data_4ZX3
#
_entry.id   4ZX3
#
_cell.length_a   74.660
_cell.length_b   109.090
_cell.length_c   117.350
_cell.angle_alpha   90.00
_cell.angle_beta   90.00
_cell.angle_gamma   90.00
#
_symmetry.space_group_name_H-M   'P 21 21 21'
#
loop_
_entity.id
_entity.type
_entity.pdbx_description
1 polymer 'M1 family aminopeptidase'
2 non-polymer 'ZINC ION'
3 non-polymer N-[(1R)-1-(4-bromophenyl)-2-(hydroxyamino)-2-oxoethyl]-2,2-dimethylpropanamide
4 non-polymer 'MAGNESIUM ION'
5 non-polymer 'DIMETHYL SULFOXIDE'
6 water water
#
_entity_poly.entity_id   1
_entity_poly.type   'polypeptide(L)'
_entity_poly.pdbx_seq_one_letter_code
;EPKIHYRKDYKPSGFIINQVTLNINIHDQETIVRSVLDMDISKHNVGEDLVFDGVGLKINEISINNKKLVEGEEYTYDNE
FLTIFSKFVPKSKFAFSSEVIIHPETNYALTGLYKSKNIIVSQCEATGFRRITFFIDRPDMMAKYDVTVTADKEKYPVLL
SNGDKVNEFEIPGGRHGARFNDPPLKPCYLFAVVAGDLKHLSATYITKYTKKKVELYVFSEEKYVSKLQWALECLKKSMA
FDEDYFGLEYDLSRLNLVAVSDFNVGAMENKGLNIFNANSLLASKKNSIDFSYARILTVVGHEYFHQYTGNRVTLRDWFQ
LTLKEGLTVHRENLFSEEMTKTVTTRLSHVDLLRSVQFLEDSSPLSHPIRPESYVSMENFYTTTVYDKGSEVMRMYLTIL
GEEYYKKGFDIYIKKNDGNTATCEDFNYAMEQAYKMKKADNSANLNQYLLWFSQSGTPHVSFKYNYDAEKKQYSIHVNQY
TKPDENQKEKKPLFIPISVGLINPENGKEMISQTTLELTKESDTFVFNNIAVKPIPSLFRGFSAPVYIEDQLTDEERILL
LKYDSDAFVRYNSCTNIYMKQILMNYNEFLKAKNEKLESFQLTPVNAQFIDAIKYLLEDPHADAGFKSYIVSLPQDRYII
NFVSNLDTDVLADTKEYIYKQIGDKLNDVYYKMFKSLEAKADDLTYFNDESHVDFDQMNMRTLRNTLLSLLSKAQYPNIL
NEIIEHSKSPYPSNWLTSLSVSAYFDKYFELYDKTYKLSKDDELLLQEWLKTVSRSDRKDIYEILKKLENEVLKDSKNPN
DIRAVYLPFTNNLRRFHDISGKGYKLIAEVITKTDKFNPMVATQLCEPFKLWNKLDTKRQELMLNEMNTMLQEPQISNNL
KEYLLRLTNK
;
_entity_poly.pdbx_strand_id   A
#
loop_
_chem_comp.id
_chem_comp.type
_chem_comp.name
_chem_comp.formula
4TK non-polymer N-[(1R)-1-(4-bromophenyl)-2-(hydroxyamino)-2-oxoethyl]-2,2-dimethylpropanamide 'C13 H17 Br N2 O3'
DMS non-polymer 'DIMETHYL SULFOXIDE' 'C2 H6 O S'
MG non-polymer 'MAGNESIUM ION' 'Mg 2'
ZN non-polymer 'ZINC ION' 'Zn 2'
#
# COMPACT_ATOMS: atom_id res chain seq x y z
N PRO A 2 11.89 25.28 7.43
CA PRO A 2 11.40 23.90 7.52
C PRO A 2 11.87 23.19 8.79
N LYS A 3 10.97 23.03 9.75
CA LYS A 3 11.30 22.36 11.00
C LYS A 3 11.50 20.86 10.79
N ILE A 4 12.64 20.34 11.24
CA ILE A 4 12.94 18.93 11.10
C ILE A 4 12.87 18.21 12.44
N HIS A 5 12.08 17.15 12.49
CA HIS A 5 11.92 16.37 13.72
C HIS A 5 12.83 15.15 13.71
N TYR A 6 13.47 14.88 14.85
CA TYR A 6 14.43 13.79 14.94
C TYR A 6 14.00 12.71 15.93
N ARG A 7 14.16 11.46 15.52
CA ARG A 7 13.80 10.31 16.35
C ARG A 7 14.55 10.30 17.68
N LYS A 8 15.82 10.70 17.63
CA LYS A 8 16.67 10.72 18.81
C LYS A 8 16.20 11.76 19.83
N ASP A 9 15.44 12.74 19.36
CA ASP A 9 15.05 13.87 20.20
C ASP A 9 13.75 13.65 20.96
N TYR A 10 13.24 12.43 20.98
CA TYR A 10 11.97 12.18 21.66
C TYR A 10 12.07 12.45 23.16
N LYS A 11 11.06 13.13 23.68
CA LYS A 11 10.89 13.30 25.11
C LYS A 11 9.43 13.56 25.42
N PRO A 12 8.92 13.01 26.53
CA PRO A 12 7.52 13.16 26.91
C PRO A 12 7.12 14.62 27.09
N SER A 13 5.85 14.93 26.86
CA SER A 13 5.34 16.29 27.01
C SER A 13 5.41 16.76 28.45
N GLY A 14 5.51 18.07 28.64
CA GLY A 14 5.47 18.66 29.96
C GLY A 14 4.04 18.83 30.44
N PHE A 15 3.10 18.41 29.61
CA PHE A 15 1.68 18.52 29.93
C PHE A 15 0.95 17.20 29.78
N ILE A 16 -0.25 17.14 30.37
CA ILE A 16 -1.09 15.95 30.26
C ILE A 16 -2.51 16.38 29.89
N ILE A 17 -3.10 15.68 28.92
CA ILE A 17 -4.51 15.90 28.59
C ILE A 17 -5.31 14.67 29.00
N ASN A 18 -6.16 14.84 30.00
CA ASN A 18 -6.91 13.72 30.57
C ASN A 18 -8.28 13.54 29.92
N GLN A 19 -9.00 14.64 29.71
CA GLN A 19 -10.35 14.56 29.17
C GLN A 19 -10.58 15.56 28.06
N VAL A 20 -11.21 15.10 26.99
CA VAL A 20 -11.58 15.96 25.88
C VAL A 20 -13.10 16.03 25.76
N THR A 21 -13.65 17.22 25.88
CA THR A 21 -15.08 17.41 25.71
C THR A 21 -15.37 18.30 24.51
N LEU A 22 -15.88 17.71 23.43
CA LEU A 22 -16.08 18.42 22.19
C LEU A 22 -17.55 18.72 21.90
N ASN A 23 -17.79 19.91 21.36
CA ASN A 23 -19.09 20.24 20.79
C ASN A 23 -18.91 20.63 19.31
N ILE A 24 -19.33 19.77 18.41
CA ILE A 24 -19.20 20.11 17.01
C ILE A 24 -20.55 20.47 16.39
N ASN A 25 -20.54 21.67 15.86
CA ASN A 25 -21.66 22.46 15.47
C ASN A 25 -21.65 22.84 14.00
N ILE A 26 -22.19 21.96 13.16
CA ILE A 26 -22.15 22.06 11.71
C ILE A 26 -23.31 22.88 11.16
N HIS A 27 -22.95 24.01 10.56
CA HIS A 27 -23.88 24.85 9.85
C HIS A 27 -23.52 24.88 8.37
N ASP A 28 -24.35 25.55 7.57
CA ASP A 28 -24.17 25.53 6.13
C ASP A 28 -22.90 26.25 5.67
N GLN A 29 -22.59 27.37 6.31
CA GLN A 29 -21.44 28.19 5.89
C GLN A 29 -20.19 27.94 6.73
N GLU A 30 -20.37 27.34 7.90
CA GLU A 30 -19.27 27.16 8.83
C GLU A 30 -19.55 26.04 9.83
N THR A 31 -18.49 25.56 10.47
CA THR A 31 -18.63 24.61 11.57
C THR A 31 -17.94 25.17 12.80
N ILE A 32 -18.70 25.30 13.88
CA ILE A 32 -18.17 25.83 15.13
C ILE A 32 -17.74 24.68 16.05
N VAL A 33 -16.52 24.75 16.55
CA VAL A 33 -16.01 23.70 17.42
C VAL A 33 -15.65 24.25 18.80
N ARG A 34 -16.39 23.81 19.81
CA ARG A 34 -16.06 24.15 21.19
C ARG A 34 -15.38 22.96 21.85
N SER A 35 -14.30 23.23 22.58
CA SER A 35 -13.51 22.17 23.18
C SER A 35 -13.05 22.53 24.58
N VAL A 36 -13.30 21.63 25.53
CA VAL A 36 -12.78 21.76 26.88
C VAL A 36 -11.75 20.67 27.13
N LEU A 37 -10.54 21.07 27.46
CA LEU A 37 -9.47 20.13 27.75
C LEU A 37 -9.14 20.11 29.24
N ASP A 38 -9.45 19.00 29.90
CA ASP A 38 -9.08 18.83 31.29
C ASP A 38 -7.62 18.39 31.36
N MET A 39 -6.76 19.33 31.74
CA MET A 39 -5.33 19.10 31.63
C MET A 39 -4.60 19.07 32.97
N ASP A 40 -3.34 18.70 32.93
CA ASP A 40 -2.50 18.66 34.12
C ASP A 40 -1.05 18.95 33.75
N ILE A 41 -0.22 19.12 34.77
CA ILE A 41 1.21 19.34 34.60
C ILE A 41 1.96 18.02 34.83
N SER A 42 2.79 17.63 33.86
CA SER A 42 3.50 16.36 33.95
C SER A 42 4.82 16.49 34.71
N LYS A 43 5.42 15.36 35.05
CA LYS A 43 6.66 15.36 35.83
C LYS A 43 7.85 15.83 35.00
N HIS A 44 7.67 15.90 33.69
CA HIS A 44 8.73 16.32 32.79
C HIS A 44 8.67 17.82 32.53
N ASN A 45 7.73 18.49 33.19
CA ASN A 45 7.53 19.92 32.99
C ASN A 45 8.64 20.76 33.59
N VAL A 46 9.08 21.78 32.86
CA VAL A 46 10.12 22.68 33.32
C VAL A 46 9.66 24.12 33.24
N GLY A 47 8.36 24.33 33.44
CA GLY A 47 7.78 25.67 33.44
C GLY A 47 7.76 26.32 32.08
N GLU A 48 7.71 25.51 31.02
CA GLU A 48 7.72 26.02 29.66
C GLU A 48 6.34 26.56 29.26
N ASP A 49 6.31 27.32 28.16
CA ASP A 49 5.06 27.82 27.62
C ASP A 49 4.14 26.67 27.22
N LEU A 50 2.84 26.87 27.34
CA LEU A 50 1.87 25.89 26.86
C LEU A 50 1.62 26.10 25.38
N VAL A 51 2.10 25.17 24.56
CA VAL A 51 2.01 25.29 23.11
C VAL A 51 1.09 24.23 22.50
N PHE A 52 -0.02 24.68 21.94
CA PHE A 52 -0.94 23.78 21.24
C PHE A 52 -0.71 23.80 19.74
N ASP A 53 -0.97 22.66 19.10
CA ASP A 53 -1.05 22.62 17.65
C ASP A 53 -2.43 23.13 17.23
N GLY A 54 -2.46 24.00 16.22
CA GLY A 54 -3.70 24.54 15.73
C GLY A 54 -3.52 25.13 14.35
N VAL A 55 -3.94 24.40 13.33
CA VAL A 55 -3.70 24.81 11.95
C VAL A 55 -4.99 25.28 11.27
N GLY A 56 -4.98 26.54 10.82
CA GLY A 56 -6.10 27.09 10.07
C GLY A 56 -7.34 27.33 10.91
N LEU A 57 -7.17 27.49 12.21
CA LEU A 57 -8.28 27.71 13.11
C LEU A 57 -8.61 29.19 13.25
N LYS A 58 -9.90 29.52 13.22
CA LYS A 58 -10.34 30.89 13.46
C LYS A 58 -10.79 31.02 14.89
N ILE A 59 -10.02 31.75 15.70
CA ILE A 59 -10.29 31.86 17.13
C ILE A 59 -11.42 32.85 17.44
N ASN A 60 -12.46 32.35 18.10
CA ASN A 60 -13.48 33.23 18.66
C ASN A 60 -13.10 33.65 20.07
N GLU A 61 -12.68 32.65 20.87
CA GLU A 61 -12.20 32.89 22.22
C GLU A 61 -11.49 31.67 22.78
N ILE A 62 -10.46 31.90 23.58
CA ILE A 62 -9.82 30.82 24.33
C ILE A 62 -9.75 31.20 25.81
N SER A 63 -9.71 30.19 26.68
CA SER A 63 -9.76 30.44 28.10
C SER A 63 -8.99 29.40 28.92
N ILE A 64 -8.63 29.80 30.14
CA ILE A 64 -8.07 28.87 31.12
C ILE A 64 -8.85 29.01 32.41
N ASN A 65 -9.48 27.92 32.84
CA ASN A 65 -10.35 27.91 34.01
C ASN A 65 -11.47 28.95 33.89
N ASN A 66 -12.17 28.92 32.76
CA ASN A 66 -13.31 29.79 32.49
C ASN A 66 -12.99 31.28 32.53
N LYS A 67 -11.72 31.63 32.32
CA LYS A 67 -11.32 33.02 32.22
C LYS A 67 -10.72 33.30 30.84
N LYS A 68 -11.28 34.29 30.14
N LYS A 68 -11.29 34.28 30.13
CA LYS A 68 -10.86 34.62 28.78
CA LYS A 68 -10.85 34.62 28.79
C LYS A 68 -9.41 35.08 28.71
C LYS A 68 -9.38 35.03 28.74
N LEU A 69 -8.70 34.61 27.68
CA LEU A 69 -7.31 34.98 27.47
C LEU A 69 -7.21 36.12 26.46
N VAL A 70 -6.42 37.14 26.78
CA VAL A 70 -6.26 38.28 25.88
C VAL A 70 -5.10 38.04 24.92
N GLU A 71 -5.34 38.28 23.64
CA GLU A 71 -4.34 38.03 22.60
C GLU A 71 -3.19 39.03 22.67
N GLY A 72 -1.97 38.52 22.56
CA GLY A 72 -0.79 39.36 22.57
C GLY A 72 -0.14 39.44 23.94
N GLU A 73 -0.94 39.74 24.94
CA GLU A 73 -0.44 39.86 26.31
C GLU A 73 -0.28 38.51 26.98
N GLU A 74 -1.21 37.60 26.69
CA GLU A 74 -1.23 36.30 27.35
C GLU A 74 -0.98 35.13 26.37
N TYR A 75 -1.23 35.37 25.09
CA TYR A 75 -0.97 34.34 24.09
C TYR A 75 -0.75 34.90 22.70
N THR A 76 -0.12 34.09 21.84
CA THR A 76 0.04 34.40 20.43
C THR A 76 -0.43 33.22 19.59
N TYR A 77 -0.97 33.52 18.41
CA TYR A 77 -1.38 32.46 17.48
C TYR A 77 -0.99 32.84 16.06
N ASP A 78 -0.23 31.96 15.42
CA ASP A 78 0.30 32.24 14.08
C ASP A 78 -0.29 31.30 13.02
N ASN A 79 -1.52 30.86 13.24
CA ASN A 79 -2.25 29.95 12.36
C ASN A 79 -1.63 28.54 12.31
N GLU A 80 -0.64 28.28 13.15
CA GLU A 80 -0.02 26.96 13.23
C GLU A 80 0.15 26.52 14.68
N PHE A 81 0.67 27.43 15.50
CA PHE A 81 0.88 27.14 16.92
C PHE A 81 0.18 28.16 17.81
N LEU A 82 -0.51 27.66 18.83
CA LEU A 82 -1.06 28.52 19.86
C LEU A 82 -0.12 28.51 21.06
N THR A 83 0.50 29.65 21.34
CA THR A 83 1.48 29.75 22.42
C THR A 83 0.93 30.54 23.60
N ILE A 84 0.68 29.85 24.71
CA ILE A 84 0.26 30.51 25.93
C ILE A 84 1.44 30.62 26.89
N PHE A 85 1.83 31.86 27.18
CA PHE A 85 3.00 32.13 28.01
C PHE A 85 2.84 31.52 29.40
N SER A 86 3.90 30.86 29.87
CA SER A 86 3.83 30.00 31.06
C SER A 86 3.32 30.70 32.32
N LYS A 87 3.53 32.00 32.42
CA LYS A 87 3.10 32.74 33.60
C LYS A 87 1.58 32.74 33.74
N PHE A 88 0.89 32.47 32.64
CA PHE A 88 -0.56 32.38 32.65
C PHE A 88 -1.00 30.92 32.61
N VAL A 89 -0.03 30.03 32.74
CA VAL A 89 -0.31 28.59 32.80
C VAL A 89 -0.24 28.10 34.24
N PRO A 90 -1.33 27.47 34.72
CA PRO A 90 -1.43 26.96 36.09
C PRO A 90 -0.39 25.87 36.37
N LYS A 91 -0.20 25.56 37.65
CA LYS A 91 0.82 24.60 38.07
C LYS A 91 0.19 23.29 38.58
N SER A 92 -1.13 23.22 38.52
CA SER A 92 -1.84 21.99 38.87
C SER A 92 -2.90 21.71 37.81
N LYS A 93 -3.86 20.85 38.15
CA LYS A 93 -4.94 20.52 37.21
C LYS A 93 -5.72 21.77 36.83
N PHE A 94 -5.91 21.95 35.52
CA PHE A 94 -6.64 23.12 35.01
C PHE A 94 -7.41 22.76 33.76
N ALA A 95 -8.32 23.63 33.37
CA ALA A 95 -9.14 23.41 32.19
C ALA A 95 -8.87 24.46 31.12
N PHE A 96 -8.43 24.00 29.95
CA PHE A 96 -8.29 24.89 28.81
C PHE A 96 -9.53 24.75 27.92
N SER A 97 -10.09 25.88 27.49
CA SER A 97 -11.24 25.86 26.62
C SER A 97 -11.06 26.79 25.43
N SER A 98 -11.75 26.50 24.35
CA SER A 98 -11.68 27.32 23.14
C SER A 98 -12.92 27.13 22.28
N GLU A 99 -13.23 28.15 21.49
CA GLU A 99 -14.23 28.04 20.44
C GLU A 99 -13.65 28.53 19.14
N VAL A 100 -13.53 27.64 18.17
CA VAL A 100 -12.97 28.00 16.87
C VAL A 100 -13.94 27.74 15.74
N ILE A 101 -13.69 28.38 14.60
CA ILE A 101 -14.51 28.17 13.42
C ILE A 101 -13.68 27.54 12.31
N ILE A 102 -14.20 26.47 11.72
CA ILE A 102 -13.56 25.83 10.58
C ILE A 102 -14.56 25.71 9.44
N HIS A 103 -14.08 25.30 8.27
CA HIS A 103 -14.93 25.27 7.08
C HIS A 103 -14.71 24.02 6.24
N PRO A 104 -15.36 22.91 6.63
CA PRO A 104 -15.22 21.63 5.93
C PRO A 104 -15.67 21.70 4.47
N GLU A 105 -16.56 22.63 4.14
CA GLU A 105 -17.06 22.76 2.78
C GLU A 105 -15.96 23.11 1.78
N THR A 106 -14.98 23.89 2.23
CA THR A 106 -13.89 24.31 1.35
C THR A 106 -12.56 23.65 1.73
N ASN A 107 -12.63 22.61 2.54
CA ASN A 107 -11.44 21.87 2.91
C ASN A 107 -11.15 20.78 1.87
N TYR A 108 -10.40 21.13 0.84
CA TYR A 108 -10.14 20.21 -0.27
C TYR A 108 -8.87 19.39 -0.06
N ALA A 109 -8.18 19.64 1.05
CA ALA A 109 -6.98 18.88 1.38
C ALA A 109 -7.35 17.52 1.96
N LEU A 110 -8.62 17.38 2.32
CA LEU A 110 -9.19 16.12 2.82
C LEU A 110 -8.49 15.65 4.09
N THR A 111 -8.01 16.60 4.89
CA THR A 111 -7.41 16.32 6.18
CA THR A 111 -7.44 16.29 6.19
C THR A 111 -8.05 17.22 7.23
N GLY A 112 -8.32 16.67 8.41
CA GLY A 112 -9.07 17.39 9.43
C GLY A 112 -10.53 17.10 9.19
N LEU A 113 -11.39 18.10 9.33
CA LEU A 113 -12.81 17.93 9.04
C LEU A 113 -13.14 18.47 7.65
N TYR A 114 -13.71 17.64 6.79
CA TYR A 114 -14.04 18.08 5.45
C TYR A 114 -15.33 17.48 4.91
N LYS A 115 -15.82 18.06 3.81
CA LYS A 115 -17.04 17.59 3.19
C LYS A 115 -16.72 16.78 1.93
N SER A 116 -17.26 15.57 1.88
CA SER A 116 -17.14 14.73 0.69
C SER A 116 -18.52 14.52 0.09
N LYS A 117 -18.76 15.15 -1.06
CA LYS A 117 -20.09 15.26 -1.65
C LYS A 117 -21.07 15.82 -0.62
N ASN A 118 -21.93 14.96 -0.08
CA ASN A 118 -22.90 15.41 0.91
C ASN A 118 -22.64 14.79 2.29
N ILE A 119 -21.39 14.39 2.52
CA ILE A 119 -21.01 13.76 3.78
C ILE A 119 -19.93 14.57 4.49
N ILE A 120 -20.16 14.90 5.76
CA ILE A 120 -19.13 15.51 6.59
C ILE A 120 -18.31 14.40 7.23
N VAL A 121 -16.99 14.46 7.08
CA VAL A 121 -16.13 13.38 7.52
C VAL A 121 -14.77 13.91 7.97
N SER A 122 -14.15 13.22 8.92
CA SER A 122 -12.83 13.62 9.41
C SER A 122 -11.74 12.65 8.98
N GLN A 123 -10.51 13.17 8.91
CA GLN A 123 -9.31 12.36 8.75
C GLN A 123 -8.21 12.99 9.58
N CYS A 124 -7.80 12.32 10.65
CA CYS A 124 -6.92 12.94 11.63
C CYS A 124 -5.48 12.41 11.62
N GLU A 125 -5.27 11.17 11.20
CA GLU A 125 -3.90 10.68 11.06
C GLU A 125 -3.26 11.33 9.82
N ALA A 126 -2.06 11.89 9.98
CA ALA A 126 -1.33 11.85 11.25
C ALA A 126 -1.50 13.15 12.05
N THR A 127 -1.66 14.26 11.35
CA THR A 127 -1.72 15.57 11.99
C THR A 127 -2.97 16.35 11.63
N GLY A 128 -4.10 15.63 11.53
CA GLY A 128 -5.34 16.25 11.11
C GLY A 128 -6.20 16.82 12.23
N PHE A 129 -6.04 16.28 13.44
CA PHE A 129 -6.86 16.73 14.57
C PHE A 129 -6.62 18.19 14.91
N ARG A 130 -5.38 18.65 14.71
CA ARG A 130 -5.01 20.03 14.97
C ARG A 130 -5.72 20.99 14.02
N ARG A 131 -6.27 20.44 12.94
CA ARG A 131 -7.03 21.23 11.97
C ARG A 131 -8.50 21.30 12.37
N ILE A 132 -8.86 20.62 13.44
CA ILE A 132 -10.23 20.66 13.95
C ILE A 132 -10.32 21.50 15.21
N THR A 133 -9.37 21.28 16.13
CA THR A 133 -9.28 22.10 17.34
C THR A 133 -7.86 22.09 17.88
N PHE A 134 -7.59 22.93 18.88
CA PHE A 134 -6.27 22.98 19.50
C PHE A 134 -6.01 21.69 20.29
N PHE A 135 -4.78 21.20 20.20
CA PHE A 135 -4.39 19.98 20.89
C PHE A 135 -2.88 19.83 20.84
N ILE A 136 -2.34 19.07 21.78
CA ILE A 136 -0.95 18.64 21.66
C ILE A 136 -0.98 17.41 20.76
N ASP A 137 -0.94 17.66 19.46
CA ASP A 137 -1.28 16.68 18.44
C ASP A 137 -0.16 15.67 18.21
N ARG A 138 -0.04 14.73 19.14
CA ARG A 138 0.96 13.65 19.07
C ARG A 138 0.42 12.39 19.75
N PRO A 139 0.78 11.21 19.23
CA PRO A 139 0.15 9.94 19.63
C PRO A 139 0.33 9.55 21.09
N ASP A 140 1.29 10.13 21.80
CA ASP A 140 1.52 9.75 23.18
C ASP A 140 0.66 10.56 24.15
N MET A 141 -0.15 11.47 23.62
CA MET A 141 -1.07 12.24 24.45
C MET A 141 -2.43 11.54 24.50
N MET A 142 -2.54 10.54 25.37
CA MET A 142 -3.75 9.74 25.51
C MET A 142 -4.80 10.45 26.36
N ALA A 143 -6.04 10.46 25.88
CA ALA A 143 -7.11 11.16 26.58
C ALA A 143 -8.46 10.47 26.43
N LYS A 144 -9.40 10.82 27.30
CA LYS A 144 -10.77 10.35 27.19
C LYS A 144 -11.58 11.34 26.35
N TYR A 145 -12.57 10.84 25.63
CA TYR A 145 -13.31 11.69 24.69
C TYR A 145 -14.82 11.67 24.91
N ASP A 146 -15.39 12.86 25.05
CA ASP A 146 -16.83 13.05 25.15
C ASP A 146 -17.25 14.02 24.05
N VAL A 147 -17.86 13.50 22.99
CA VAL A 147 -18.09 14.30 21.79
C VAL A 147 -19.58 14.47 21.45
N THR A 148 -19.99 15.72 21.26
CA THR A 148 -21.34 16.04 20.83
C THR A 148 -21.33 16.67 19.44
N VAL A 149 -22.16 16.15 18.55
CA VAL A 149 -22.26 16.70 17.20
C VAL A 149 -23.69 17.15 16.90
N THR A 150 -23.82 18.39 16.42
CA THR A 150 -25.12 18.91 16.02
C THR A 150 -25.10 19.30 14.53
N ALA A 151 -26.25 19.15 13.88
CA ALA A 151 -26.36 19.46 12.46
C ALA A 151 -27.81 19.55 12.02
N ASP A 152 -28.02 20.06 10.82
CA ASP A 152 -29.34 20.09 10.20
C ASP A 152 -29.86 18.67 10.04
N LYS A 153 -31.07 18.42 10.53
CA LYS A 153 -31.61 17.06 10.56
C LYS A 153 -31.88 16.51 9.16
N GLU A 154 -32.36 17.37 8.28
CA GLU A 154 -32.63 17.02 6.90
C GLU A 154 -31.37 16.50 6.23
N LYS A 155 -30.34 17.34 6.20
CA LYS A 155 -29.11 17.05 5.47
C LYS A 155 -28.21 16.01 6.15
N TYR A 156 -28.29 15.91 7.48
CA TYR A 156 -27.40 15.02 8.21
C TYR A 156 -28.09 14.17 9.26
N PRO A 157 -28.98 13.26 8.85
CA PRO A 157 -29.74 12.45 9.81
C PRO A 157 -28.87 11.46 10.57
N VAL A 158 -27.79 11.00 9.96
CA VAL A 158 -26.90 10.04 10.59
C VAL A 158 -25.67 10.72 11.18
N LEU A 159 -25.52 10.62 12.50
CA LEU A 159 -24.36 11.18 13.19
C LEU A 159 -23.55 10.05 13.83
N LEU A 160 -22.24 10.07 13.62
CA LEU A 160 -21.38 9.02 14.15
C LEU A 160 -20.08 9.59 14.73
N SER A 161 -19.63 8.98 15.82
CA SER A 161 -18.31 9.28 16.39
C SER A 161 -17.84 8.05 17.16
N ASN A 162 -16.67 8.16 17.80
CA ASN A 162 -16.14 7.04 18.59
C ASN A 162 -16.98 6.78 19.83
N GLY A 163 -16.94 5.54 20.32
CA GLY A 163 -17.61 5.19 21.56
C GLY A 163 -19.10 4.91 21.41
N ASP A 164 -19.81 4.96 22.54
CA ASP A 164 -21.24 4.70 22.53
C ASP A 164 -22.04 5.98 22.40
N LYS A 165 -23.08 5.94 21.59
CA LYS A 165 -24.02 7.07 21.51
C LYS A 165 -24.88 7.06 22.76
N VAL A 166 -24.74 8.08 23.60
CA VAL A 166 -25.39 8.09 24.90
C VAL A 166 -26.61 9.00 24.97
N ASN A 167 -26.77 9.85 23.95
CA ASN A 167 -27.94 10.72 23.89
C ASN A 167 -28.23 11.22 22.47
N GLU A 168 -29.52 11.32 22.16
CA GLU A 168 -29.99 11.91 20.92
C GLU A 168 -31.06 12.93 21.26
N PHE A 169 -31.00 14.11 20.65
CA PHE A 169 -31.91 15.19 21.01
C PHE A 169 -32.21 16.14 19.87
N GLU A 170 -33.42 16.69 19.88
CA GLU A 170 -33.85 17.65 18.88
C GLU A 170 -33.35 19.06 19.22
N ILE A 171 -33.18 19.87 18.20
CA ILE A 171 -32.75 21.26 18.36
C ILE A 171 -33.63 22.17 17.51
N PRO A 172 -34.11 23.28 18.09
CA PRO A 172 -34.93 24.25 17.35
C PRO A 172 -34.27 24.69 16.05
N GLY A 173 -35.08 24.85 14.99
CA GLY A 173 -34.57 25.25 13.70
C GLY A 173 -34.25 24.09 12.78
N GLY A 174 -34.84 22.94 13.06
CA GLY A 174 -34.68 21.77 12.22
C GLY A 174 -33.34 21.08 12.40
N ARG A 175 -32.78 21.18 13.60
CA ARG A 175 -31.49 20.57 13.90
C ARG A 175 -31.61 19.47 14.95
N HIS A 176 -30.61 18.61 15.04
CA HIS A 176 -30.57 17.59 16.09
C HIS A 176 -29.12 17.37 16.53
N GLY A 177 -28.96 16.69 17.65
CA GLY A 177 -27.64 16.42 18.18
C GLY A 177 -27.48 14.98 18.63
N ALA A 178 -26.23 14.55 18.72
CA ALA A 178 -25.92 13.22 19.23
C ALA A 178 -24.66 13.28 20.09
N ARG A 179 -24.71 12.65 21.25
CA ARG A 179 -23.57 12.64 22.16
C ARG A 179 -22.91 11.27 22.17
N PHE A 180 -21.60 11.26 22.02
CA PHE A 180 -20.82 10.03 22.03
C PHE A 180 -19.78 10.06 23.13
N ASN A 181 -19.84 9.10 24.05
CA ASN A 181 -18.84 9.01 25.10
C ASN A 181 -17.93 7.81 24.88
N ASP A 182 -16.62 8.07 24.82
CA ASP A 182 -15.64 7.03 24.59
C ASP A 182 -14.63 7.02 25.74
N PRO A 183 -14.98 6.32 26.83
CA PRO A 183 -14.14 6.27 28.04
C PRO A 183 -12.69 5.78 27.86
N PRO A 184 -12.43 4.73 27.05
CA PRO A 184 -11.03 4.29 26.96
C PRO A 184 -10.10 5.35 26.37
N LEU A 185 -8.89 5.46 26.93
CA LEU A 185 -7.89 6.40 26.44
C LEU A 185 -7.53 6.12 24.99
N LYS A 186 -7.32 7.18 24.22
CA LYS A 186 -6.87 7.04 22.83
C LYS A 186 -6.10 8.27 22.37
N PRO A 187 -5.19 8.07 21.40
CA PRO A 187 -4.52 9.19 20.73
C PRO A 187 -5.51 9.95 19.85
N CYS A 188 -5.25 11.23 19.61
CA CYS A 188 -6.22 12.06 18.91
C CYS A 188 -6.35 11.73 17.42
N TYR A 189 -5.37 11.06 16.84
CA TYR A 189 -5.44 10.73 15.42
C TYR A 189 -6.47 9.63 15.16
N LEU A 190 -6.93 8.99 16.24
CA LEU A 190 -7.94 7.95 16.14
C LEU A 190 -9.35 8.50 16.32
N PHE A 191 -9.43 9.79 16.63
CA PHE A 191 -10.73 10.48 16.70
C PHE A 191 -11.37 10.52 15.32
N ALA A 192 -12.69 10.38 15.28
CA ALA A 192 -13.41 10.54 14.03
C ALA A 192 -14.85 11.01 14.26
N VAL A 193 -15.39 11.68 13.25
CA VAL A 193 -16.79 12.08 13.27
C VAL A 193 -17.35 12.00 11.85
N VAL A 194 -18.58 11.51 11.72
CA VAL A 194 -19.25 11.40 10.43
C VAL A 194 -20.67 11.94 10.53
N ALA A 195 -21.04 12.78 9.58
CA ALA A 195 -22.42 13.29 9.49
C ALA A 195 -22.90 13.24 8.04
N GLY A 196 -24.07 12.65 7.83
CA GLY A 196 -24.61 12.57 6.49
C GLY A 196 -25.92 11.81 6.37
N ASP A 197 -26.43 11.74 5.15
CA ASP A 197 -27.63 10.98 4.86
C ASP A 197 -27.24 9.56 4.47
N LEU A 198 -26.72 8.82 5.43
CA LEU A 198 -26.14 7.50 5.17
C LEU A 198 -27.18 6.38 5.26
N LYS A 199 -27.04 5.41 4.36
CA LYS A 199 -27.80 4.17 4.43
C LYS A 199 -26.86 3.05 4.81
N HIS A 200 -27.39 1.96 5.36
CA HIS A 200 -26.51 0.92 5.89
C HIS A 200 -26.99 -0.51 5.66
N LEU A 201 -26.06 -1.44 5.74
CA LEU A 201 -26.35 -2.83 5.96
C LEU A 201 -25.80 -3.19 7.33
N SER A 202 -26.43 -4.13 8.02
CA SER A 202 -25.99 -4.47 9.37
C SER A 202 -26.02 -5.98 9.62
N ALA A 203 -25.26 -6.40 10.62
CA ALA A 203 -25.23 -7.80 11.03
C ALA A 203 -24.76 -7.89 12.46
N THR A 204 -25.01 -9.03 13.09
CA THR A 204 -24.55 -9.28 14.46
C THR A 204 -23.49 -10.37 14.47
N TYR A 205 -22.35 -10.06 15.06
CA TYR A 205 -21.27 -11.03 15.18
C TYR A 205 -21.08 -11.41 16.65
N ILE A 206 -21.08 -12.71 16.93
CA ILE A 206 -20.85 -13.20 18.28
C ILE A 206 -19.43 -13.74 18.39
N THR A 207 -18.66 -13.15 19.31
CA THR A 207 -17.25 -13.50 19.46
C THR A 207 -17.06 -14.95 19.87
N LYS A 208 -15.88 -15.48 19.57
CA LYS A 208 -15.58 -16.90 19.71
C LYS A 208 -15.54 -17.37 21.17
N TYR A 209 -14.88 -16.59 22.02
CA TYR A 209 -14.62 -17.04 23.39
C TYR A 209 -15.55 -16.40 24.43
N THR A 210 -15.67 -15.08 24.39
CA THR A 210 -16.50 -14.37 25.37
C THR A 210 -17.97 -14.38 24.97
N LYS A 211 -18.24 -14.79 23.74
CA LYS A 211 -19.60 -14.88 23.20
C LYS A 211 -20.32 -13.52 23.23
N LYS A 212 -19.54 -12.45 23.10
CA LYS A 212 -20.08 -11.09 23.10
C LYS A 212 -20.74 -10.76 21.77
N LYS A 213 -21.90 -10.11 21.84
CA LYS A 213 -22.60 -9.68 20.64
C LYS A 213 -22.03 -8.37 20.12
N VAL A 214 -21.57 -8.37 18.87
CA VAL A 214 -21.02 -7.17 18.26
C VAL A 214 -21.86 -6.73 17.06
N GLU A 215 -22.36 -5.49 17.11
CA GLU A 215 -23.14 -4.95 16.02
C GLU A 215 -22.23 -4.40 14.92
N LEU A 216 -22.38 -4.93 13.71
CA LEU A 216 -21.57 -4.50 12.58
C LEU A 216 -22.40 -3.65 11.62
N TYR A 217 -21.94 -2.43 11.35
CA TYR A 217 -22.61 -1.53 10.43
C TYR A 217 -21.69 -1.07 9.31
N VAL A 218 -22.19 -1.13 8.07
CA VAL A 218 -21.46 -0.58 6.93
C VAL A 218 -22.30 0.50 6.26
N PHE A 219 -21.70 1.67 6.03
CA PHE A 219 -22.43 2.83 5.53
C PHE A 219 -21.95 3.33 4.17
N SER A 220 -22.89 3.86 3.39
CA SER A 220 -22.57 4.58 2.16
C SER A 220 -23.70 5.56 1.85
N GLU A 221 -23.53 6.36 0.81
CA GLU A 221 -24.63 7.17 0.33
C GLU A 221 -25.72 6.24 -0.22
N GLU A 222 -26.94 6.74 -0.28
CA GLU A 222 -28.10 5.91 -0.63
C GLU A 222 -27.96 5.22 -1.99
N LYS A 223 -27.38 5.92 -2.95
CA LYS A 223 -27.29 5.41 -4.32
C LYS A 223 -26.49 4.10 -4.41
N TYR A 224 -25.48 3.95 -3.57
CA TYR A 224 -24.59 2.81 -3.66
C TYR A 224 -24.71 1.83 -2.50
N VAL A 225 -25.85 1.85 -1.80
CA VAL A 225 -26.05 1.01 -0.63
C VAL A 225 -26.02 -0.48 -0.98
N SER A 226 -26.29 -0.79 -2.25
CA SER A 226 -26.30 -2.18 -2.70
C SER A 226 -24.89 -2.70 -3.00
N LYS A 227 -23.88 -1.87 -2.80
CA LYS A 227 -22.49 -2.26 -3.05
C LYS A 227 -21.75 -2.53 -1.75
N LEU A 228 -22.49 -2.66 -0.65
CA LEU A 228 -21.91 -2.80 0.68
C LEU A 228 -21.80 -4.25 1.15
N GLN A 229 -22.40 -5.16 0.39
CA GLN A 229 -22.54 -6.55 0.82
C GLN A 229 -21.22 -7.28 1.03
N TRP A 230 -20.30 -7.14 0.08
CA TRP A 230 -19.01 -7.84 0.15
C TRP A 230 -18.20 -7.35 1.35
N ALA A 231 -18.23 -6.04 1.59
CA ALA A 231 -17.51 -5.43 2.70
C ALA A 231 -17.93 -6.03 4.05
N LEU A 232 -19.23 -6.21 4.22
CA LEU A 232 -19.76 -6.78 5.46
C LEU A 232 -19.26 -8.21 5.65
N GLU A 233 -19.22 -8.96 4.55
CA GLU A 233 -18.71 -10.33 4.58
C GLU A 233 -17.23 -10.35 4.95
N CYS A 234 -16.46 -9.43 4.37
CA CYS A 234 -15.04 -9.34 4.65
C CYS A 234 -14.78 -8.99 6.12
N LEU A 235 -15.64 -8.17 6.68
CA LEU A 235 -15.52 -7.78 8.09
C LEU A 235 -15.70 -8.99 8.99
N LYS A 236 -16.72 -9.80 8.70
CA LYS A 236 -16.95 -11.05 9.43
C LYS A 236 -15.74 -11.97 9.32
N LYS A 237 -15.20 -12.08 8.10
CA LYS A 237 -14.03 -12.92 7.85
C LYS A 237 -12.83 -12.43 8.65
N SER A 238 -12.66 -11.12 8.72
CA SER A 238 -11.52 -10.52 9.41
C SER A 238 -11.59 -10.83 10.91
N MET A 239 -12.78 -10.68 11.48
CA MET A 239 -12.99 -10.92 12.90
C MET A 239 -12.74 -12.39 13.23
N ALA A 240 -13.18 -13.28 12.36
CA ALA A 240 -13.01 -14.71 12.56
C ALA A 240 -11.55 -15.11 12.50
N PHE A 241 -10.81 -14.53 11.56
CA PHE A 241 -9.41 -14.89 11.37
C PHE A 241 -8.55 -14.49 12.56
N ASP A 242 -8.79 -13.30 13.10
CA ASP A 242 -7.99 -12.81 14.22
C ASP A 242 -8.33 -13.61 15.48
N GLU A 243 -9.52 -14.20 15.50
CA GLU A 243 -9.91 -15.10 16.58
C GLU A 243 -9.26 -16.46 16.41
N ASP A 244 -9.23 -16.95 15.17
CA ASP A 244 -8.76 -18.30 14.89
C ASP A 244 -7.23 -18.40 14.87
N TYR A 245 -6.57 -17.39 14.33
CA TYR A 245 -5.13 -17.40 14.23
C TYR A 245 -4.46 -16.81 15.48
N PHE A 246 -4.90 -15.62 15.88
CA PHE A 246 -4.24 -14.89 16.96
C PHE A 246 -4.97 -14.98 18.30
N GLY A 247 -6.18 -15.54 18.29
CA GLY A 247 -6.97 -15.68 19.50
C GLY A 247 -7.48 -14.34 20.03
N LEU A 248 -7.62 -13.37 19.14
CA LEU A 248 -8.02 -12.03 19.53
C LEU A 248 -9.48 -11.71 19.17
N GLU A 249 -10.25 -11.27 20.15
CA GLU A 249 -11.64 -10.90 19.94
C GLU A 249 -11.83 -9.38 19.95
N TYR A 250 -12.89 -8.93 19.28
CA TYR A 250 -13.24 -7.51 19.29
C TYR A 250 -13.82 -7.14 20.66
N ASP A 251 -13.41 -5.99 21.20
CA ASP A 251 -13.74 -5.64 22.57
C ASP A 251 -14.88 -4.63 22.70
N LEU A 252 -15.33 -4.07 21.58
CA LEU A 252 -16.38 -3.05 21.63
C LEU A 252 -17.74 -3.62 21.22
N SER A 253 -18.79 -2.87 21.53
CA SER A 253 -20.16 -3.32 21.27
C SER A 253 -20.52 -3.18 19.79
N ARG A 254 -19.86 -2.26 19.10
CA ARG A 254 -20.24 -1.92 17.74
C ARG A 254 -19.04 -1.50 16.90
N LEU A 255 -19.06 -1.88 15.62
CA LEU A 255 -18.04 -1.44 14.68
C LEU A 255 -18.71 -0.87 13.42
N ASN A 256 -18.38 0.37 13.08
CA ASN A 256 -18.92 1.02 11.90
C ASN A 256 -17.89 1.16 10.79
N LEU A 257 -18.30 0.82 9.57
CA LEU A 257 -17.49 1.08 8.37
C LEU A 257 -18.22 2.08 7.49
N VAL A 258 -17.54 3.15 7.09
CA VAL A 258 -18.17 4.19 6.29
C VAL A 258 -17.39 4.50 5.02
N ALA A 259 -18.09 4.50 3.88
CA ALA A 259 -17.46 4.82 2.61
C ALA A 259 -17.72 6.26 2.20
N VAL A 260 -16.65 6.95 1.78
CA VAL A 260 -16.77 8.30 1.26
C VAL A 260 -16.06 8.41 -0.08
N SER A 261 -16.56 9.28 -0.95
CA SER A 261 -16.05 9.40 -2.31
C SER A 261 -14.70 10.10 -2.40
N ASP A 262 -14.45 11.04 -1.49
CA ASP A 262 -13.21 11.80 -1.50
C ASP A 262 -12.31 11.40 -0.33
N PHE A 263 -11.22 10.71 -0.66
CA PHE A 263 -10.32 10.18 0.36
C PHE A 263 -8.89 10.07 -0.18
N ASN A 264 -7.91 10.51 0.61
CA ASN A 264 -6.53 10.57 0.15
C ASN A 264 -5.88 9.20 -0.01
N VAL A 265 -6.26 8.25 0.84
CA VAL A 265 -5.67 6.92 0.81
C VAL A 265 -6.75 5.84 0.70
N GLY A 266 -6.46 4.64 1.19
CA GLY A 266 -7.39 3.54 1.12
C GLY A 266 -8.45 3.56 2.21
N ALA A 267 -8.01 3.60 3.47
CA ALA A 267 -8.93 3.72 4.60
C ALA A 267 -8.21 4.12 5.88
N MET A 268 -8.99 4.37 6.94
CA MET A 268 -8.45 4.81 8.21
C MET A 268 -9.08 4.05 9.36
N GLU A 269 -8.28 3.67 10.34
CA GLU A 269 -8.73 2.73 11.38
C GLU A 269 -9.30 3.39 12.64
N ASN A 270 -9.99 4.52 12.50
CA ASN A 270 -10.58 5.21 13.65
C ASN A 270 -11.41 4.26 14.51
N LYS A 271 -11.17 4.32 15.82
CA LYS A 271 -11.73 3.37 16.78
C LYS A 271 -13.25 3.22 16.68
N GLY A 272 -13.70 2.03 16.27
CA GLY A 272 -15.11 1.74 16.15
C GLY A 272 -15.78 2.48 15.00
N LEU A 273 -14.99 3.21 14.23
CA LEU A 273 -15.51 4.03 13.14
C LEU A 273 -14.51 4.11 11.99
N ASN A 274 -14.27 2.97 11.35
CA ASN A 274 -13.35 2.93 10.22
C ASN A 274 -13.93 3.66 9.02
N ILE A 275 -13.14 4.53 8.41
CA ILE A 275 -13.59 5.32 7.27
C ILE A 275 -12.81 4.94 6.02
N PHE A 276 -13.53 4.67 4.94
CA PHE A 276 -12.94 4.09 3.73
C PHE A 276 -13.06 5.00 2.51
N ASN A 277 -12.03 4.97 1.67
CA ASN A 277 -12.19 5.38 0.28
C ASN A 277 -13.27 4.48 -0.30
N ALA A 278 -14.20 5.07 -1.05
CA ALA A 278 -15.30 4.30 -1.62
C ALA A 278 -14.78 3.14 -2.47
N ASN A 279 -13.67 3.34 -3.17
CA ASN A 279 -13.13 2.29 -4.04
C ASN A 279 -12.52 1.13 -3.27
N SER A 280 -12.46 1.25 -1.95
CA SER A 280 -11.90 0.19 -1.12
C SER A 280 -12.94 -0.40 -0.17
N LEU A 281 -14.21 -0.09 -0.39
CA LEU A 281 -15.29 -0.65 0.42
C LEU A 281 -16.49 -1.09 -0.43
N LEU A 282 -16.75 -0.36 -1.51
CA LEU A 282 -17.94 -0.61 -2.33
C LEU A 282 -17.64 -1.44 -3.56
N ALA A 283 -18.49 -2.42 -3.84
CA ALA A 283 -18.39 -3.21 -5.07
C ALA A 283 -19.68 -3.96 -5.39
N SER A 284 -19.91 -4.16 -6.68
CA SER A 284 -20.95 -5.07 -7.16
C SER A 284 -20.42 -5.75 -8.41
N LYS A 285 -20.91 -6.96 -8.70
CA LYS A 285 -20.37 -7.74 -9.81
C LYS A 285 -20.65 -7.07 -11.16
N LYS A 286 -21.71 -6.27 -11.22
CA LYS A 286 -22.04 -5.57 -12.46
C LYS A 286 -21.24 -4.28 -12.63
N ASN A 287 -20.86 -3.66 -11.53
CA ASN A 287 -20.23 -2.34 -11.58
C ASN A 287 -18.81 -2.26 -11.06
N SER A 288 -18.16 -3.41 -10.91
CA SER A 288 -16.78 -3.43 -10.41
C SER A 288 -15.91 -4.43 -11.16
N ILE A 289 -14.63 -4.10 -11.32
CA ILE A 289 -13.68 -5.06 -11.87
C ILE A 289 -13.27 -6.03 -10.76
N ASP A 290 -12.67 -7.15 -11.16
CA ASP A 290 -12.33 -8.22 -10.23
C ASP A 290 -11.42 -7.76 -9.09
N PHE A 291 -10.49 -6.84 -9.39
CA PHE A 291 -9.52 -6.40 -8.40
CA PHE A 291 -9.52 -6.34 -8.42
C PHE A 291 -10.18 -5.78 -7.17
N SER A 292 -11.35 -5.19 -7.35
CA SER A 292 -12.06 -4.55 -6.23
C SER A 292 -12.33 -5.50 -5.07
N TYR A 293 -12.53 -6.78 -5.38
CA TYR A 293 -12.88 -7.75 -4.36
C TYR A 293 -11.68 -8.13 -3.48
N ALA A 294 -10.51 -8.27 -4.10
CA ALA A 294 -9.29 -8.49 -3.33
C ALA A 294 -8.93 -7.22 -2.56
N ARG A 295 -9.14 -6.08 -3.20
CA ARG A 295 -8.87 -4.79 -2.60
C ARG A 295 -9.69 -4.57 -1.31
N ILE A 296 -11.00 -4.77 -1.41
CA ILE A 296 -11.89 -4.57 -0.26
C ILE A 296 -11.57 -5.56 0.86
N LEU A 297 -11.29 -6.81 0.50
CA LEU A 297 -10.90 -7.82 1.47
C LEU A 297 -9.67 -7.38 2.28
N THR A 298 -8.64 -6.93 1.58
CA THR A 298 -7.40 -6.52 2.24
C THR A 298 -7.56 -5.27 3.08
N VAL A 299 -8.29 -4.28 2.56
CA VAL A 299 -8.41 -2.99 3.25
C VAL A 299 -9.33 -3.09 4.47
N VAL A 300 -10.47 -3.76 4.32
CA VAL A 300 -11.33 -4.03 5.47
C VAL A 300 -10.57 -4.85 6.52
N GLY A 301 -9.86 -5.86 6.05
CA GLY A 301 -9.04 -6.67 6.93
C GLY A 301 -7.98 -5.82 7.62
N HIS A 302 -7.27 -5.02 6.83
CA HIS A 302 -6.23 -4.13 7.35
C HIS A 302 -6.73 -3.24 8.48
N GLU A 303 -7.84 -2.54 8.26
CA GLU A 303 -8.33 -1.61 9.28
C GLU A 303 -8.81 -2.34 10.52
N TYR A 304 -9.33 -3.55 10.35
CA TYR A 304 -9.80 -4.31 11.51
C TYR A 304 -8.66 -4.80 12.39
N PHE A 305 -7.59 -5.29 11.76
CA PHE A 305 -6.45 -5.81 12.51
C PHE A 305 -5.71 -4.69 13.24
N HIS A 306 -5.95 -3.46 12.82
CA HIS A 306 -5.41 -2.29 13.50
C HIS A 306 -5.97 -2.12 14.91
N GLN A 307 -7.15 -2.69 15.16
CA GLN A 307 -7.81 -2.52 16.45
C GLN A 307 -6.91 -3.00 17.59
N TYR A 308 -6.16 -4.06 17.35
CA TYR A 308 -5.13 -4.49 18.29
C TYR A 308 -3.78 -3.85 17.97
N THR A 309 -3.30 -4.06 16.75
CA THR A 309 -1.99 -3.54 16.36
C THR A 309 -2.11 -2.12 15.82
N GLY A 310 -2.28 -1.16 16.72
CA GLY A 310 -2.42 0.22 16.36
C GLY A 310 -3.32 1.00 17.31
N ASN A 311 -4.45 0.40 17.67
CA ASN A 311 -5.44 1.08 18.50
C ASN A 311 -5.33 0.70 19.98
N ARG A 312 -5.33 -0.60 20.28
CA ARG A 312 -5.18 -1.06 21.65
C ARG A 312 -3.72 -1.00 22.08
N VAL A 313 -2.83 -1.39 21.17
CA VAL A 313 -1.40 -1.13 21.34
C VAL A 313 -1.01 -0.03 20.36
N THR A 314 -0.75 1.16 20.86
CA THR A 314 -0.51 2.31 19.99
C THR A 314 0.96 2.73 19.97
N LEU A 315 1.25 3.82 19.27
CA LEU A 315 2.61 4.29 19.07
C LEU A 315 3.05 5.31 20.12
N ARG A 316 4.32 5.27 20.50
CA ARG A 316 4.90 6.27 21.38
C ARG A 316 5.11 7.57 20.62
N ASP A 317 5.57 7.44 19.38
CA ASP A 317 5.84 8.57 18.51
C ASP A 317 5.71 8.12 17.06
N TRP A 318 5.70 9.05 16.12
CA TRP A 318 5.43 8.70 14.73
C TRP A 318 6.58 7.94 14.06
N PHE A 319 7.77 7.99 14.64
CA PHE A 319 8.90 7.25 14.09
C PHE A 319 8.68 5.75 14.24
N GLN A 320 7.76 5.36 15.12
CA GLN A 320 7.43 3.95 15.31
C GLN A 320 6.32 3.50 14.37
N LEU A 321 6.05 4.28 13.33
CA LEU A 321 4.92 4.03 12.44
C LEU A 321 4.85 2.60 11.92
N THR A 322 6.01 2.04 11.57
CA THR A 322 6.04 0.71 10.98
C THR A 322 5.61 -0.36 11.98
N LEU A 323 5.68 -0.04 13.27
CA LEU A 323 5.26 -0.96 14.32
C LEU A 323 3.78 -1.30 14.20
N LYS A 324 2.97 -0.34 13.77
CA LYS A 324 1.54 -0.62 13.60
C LYS A 324 1.19 -0.86 12.13
N GLU A 325 1.92 -0.23 11.21
CA GLU A 325 1.58 -0.40 9.79
C GLU A 325 2.22 -1.64 9.19
N GLY A 326 3.52 -1.81 9.40
CA GLY A 326 4.21 -3.00 8.93
C GLY A 326 3.60 -4.26 9.53
N LEU A 327 3.28 -4.21 10.82
CA LEU A 327 2.70 -5.35 11.51
C LEU A 327 1.28 -5.65 11.05
N THR A 328 0.52 -4.60 10.74
CA THR A 328 -0.86 -4.77 10.29
C THR A 328 -0.93 -5.28 8.85
N VAL A 329 -0.04 -4.79 7.99
CA VAL A 329 0.02 -5.30 6.62
C VAL A 329 0.36 -6.78 6.65
N HIS A 330 1.29 -7.16 7.52
CA HIS A 330 1.64 -8.57 7.72
C HIS A 330 0.43 -9.40 8.13
N ARG A 331 -0.32 -8.89 9.10
CA ARG A 331 -1.55 -9.56 9.53
C ARG A 331 -2.57 -9.61 8.40
N GLU A 332 -2.66 -8.53 7.63
CA GLU A 332 -3.54 -8.48 6.47
C GLU A 332 -3.13 -9.51 5.42
N ASN A 333 -1.82 -9.65 5.20
CA ASN A 333 -1.31 -10.60 4.22
C ASN A 333 -1.60 -12.05 4.62
N LEU A 334 -1.38 -12.36 5.90
CA LEU A 334 -1.71 -13.69 6.43
C LEU A 334 -3.19 -13.98 6.23
N PHE A 335 -4.01 -12.97 6.55
CA PHE A 335 -5.45 -13.04 6.37
C PHE A 335 -5.84 -13.31 4.92
N SER A 336 -5.28 -12.51 4.01
CA SER A 336 -5.63 -12.62 2.59
C SER A 336 -5.20 -13.94 1.99
N GLU A 337 -4.00 -14.40 2.33
CA GLU A 337 -3.51 -15.68 1.83
C GLU A 337 -4.42 -16.82 2.28
N GLU A 338 -4.93 -16.72 3.50
CA GLU A 338 -5.82 -17.74 4.05
C GLU A 338 -7.19 -17.71 3.38
N MET A 339 -7.66 -16.50 3.04
CA MET A 339 -9.00 -16.34 2.47
C MET A 339 -9.06 -16.66 0.98
N THR A 340 -8.01 -16.30 0.25
CA THR A 340 -7.99 -16.48 -1.19
C THR A 340 -7.62 -17.90 -1.61
N LYS A 341 -6.76 -18.53 -0.80
CA LYS A 341 -6.27 -19.87 -1.08
C LYS A 341 -5.63 -19.99 -2.46
N THR A 342 -5.00 -18.92 -2.91
CA THR A 342 -4.29 -18.90 -4.18
C THR A 342 -2.84 -18.48 -3.97
N VAL A 343 -1.92 -19.05 -4.74
CA VAL A 343 -0.51 -18.74 -4.59
C VAL A 343 -0.18 -17.34 -5.10
N THR A 344 -1.06 -16.78 -5.94
CA THR A 344 -0.83 -15.47 -6.53
C THR A 344 -0.96 -14.34 -5.53
N THR A 345 -1.61 -14.62 -4.41
CA THR A 345 -1.77 -13.62 -3.36
C THR A 345 -0.40 -13.21 -2.81
N ARG A 346 0.39 -14.20 -2.42
CA ARG A 346 1.75 -13.97 -1.94
C ARG A 346 2.62 -13.42 -3.06
N LEU A 347 2.47 -13.98 -4.26
CA LEU A 347 3.25 -13.53 -5.42
C LEU A 347 3.00 -12.07 -5.74
N SER A 348 1.74 -11.63 -5.61
CA SER A 348 1.39 -10.25 -5.91
C SER A 348 2.05 -9.27 -4.95
N HIS A 349 2.18 -9.67 -3.69
CA HIS A 349 2.84 -8.81 -2.71
CA HIS A 349 2.84 -8.84 -2.68
C HIS A 349 4.32 -8.69 -2.99
N VAL A 350 4.96 -9.80 -3.35
CA VAL A 350 6.37 -9.82 -3.69
C VAL A 350 6.61 -9.01 -4.96
N ASP A 351 5.70 -9.17 -5.92
CA ASP A 351 5.77 -8.44 -7.18
C ASP A 351 5.72 -6.93 -6.94
N LEU A 352 4.90 -6.54 -5.96
CA LEU A 352 4.77 -5.15 -5.58
C LEU A 352 6.03 -4.63 -4.89
N LEU A 353 6.52 -5.40 -3.92
CA LEU A 353 7.71 -5.02 -3.17
C LEU A 353 8.94 -4.85 -4.07
N ARG A 354 9.22 -5.87 -4.87
CA ARG A 354 10.47 -5.89 -5.65
C ARG A 354 10.47 -4.91 -6.81
N SER A 355 9.30 -4.36 -7.13
CA SER A 355 9.22 -3.32 -8.14
C SER A 355 9.19 -1.94 -7.48
N VAL A 356 8.07 -1.64 -6.83
CA VAL A 356 7.85 -0.31 -6.26
C VAL A 356 8.77 0.00 -5.07
N GLN A 357 8.85 -0.91 -4.11
CA GLN A 357 9.62 -0.65 -2.91
C GLN A 357 11.14 -0.72 -3.15
N PHE A 358 11.57 -1.65 -3.99
CA PHE A 358 13.00 -1.75 -4.33
C PHE A 358 13.46 -0.50 -5.04
N LEU A 359 12.60 0.04 -5.90
CA LEU A 359 12.87 1.31 -6.59
C LEU A 359 13.08 2.41 -5.55
N GLU A 360 12.16 2.50 -4.61
CA GLU A 360 12.23 3.51 -3.56
C GLU A 360 13.52 3.37 -2.76
N ASP A 361 13.89 2.14 -2.45
CA ASP A 361 15.03 1.89 -1.57
C ASP A 361 16.39 2.10 -2.25
N SER A 362 16.38 2.23 -3.58
CA SER A 362 17.61 2.53 -4.31
C SER A 362 17.55 3.95 -4.89
N SER A 363 16.52 4.69 -4.51
CA SER A 363 16.34 6.08 -4.95
C SER A 363 16.89 7.04 -3.89
N PRO A 364 16.99 8.34 -4.22
CA PRO A 364 17.39 9.31 -3.18
C PRO A 364 16.40 9.41 -2.02
N LEU A 365 15.20 8.86 -2.20
CA LEU A 365 14.18 8.88 -1.15
C LEU A 365 14.33 7.72 -0.18
N SER A 366 15.36 6.90 -0.40
CA SER A 366 15.57 5.70 0.41
C SER A 366 15.62 5.99 1.91
N HIS A 367 14.87 5.22 2.67
CA HIS A 367 14.85 5.36 4.13
C HIS A 367 14.65 4.00 4.78
N PRO A 368 15.11 3.86 6.03
CA PRO A 368 14.79 2.63 6.77
C PRO A 368 13.32 2.62 7.20
N ILE A 369 12.80 1.47 7.58
CA ILE A 369 11.39 1.35 7.93
C ILE A 369 11.08 2.16 9.20
N ARG A 370 12.11 2.45 9.98
CA ARG A 370 12.00 3.44 11.05
C ARG A 370 12.90 4.62 10.73
N PRO A 371 12.31 5.68 10.14
CA PRO A 371 13.07 6.85 9.69
C PRO A 371 13.75 7.58 10.85
N GLU A 372 14.83 8.30 10.54
CA GLU A 372 15.57 9.03 11.55
C GLU A 372 15.05 10.46 11.69
N SER A 373 14.35 10.95 10.67
CA SER A 373 13.87 12.32 10.67
C SER A 373 12.74 12.56 9.68
N TYR A 374 11.97 13.62 9.89
CA TYR A 374 10.95 14.04 8.94
C TYR A 374 10.59 15.52 9.11
N VAL A 375 10.10 16.10 8.03
CA VAL A 375 9.53 17.45 8.06
C VAL A 375 8.01 17.32 8.06
N SER A 376 7.50 16.54 7.12
CA SER A 376 6.08 16.23 7.05
C SER A 376 5.89 14.72 7.19
N MET A 377 5.28 14.29 8.29
CA MET A 377 5.13 12.87 8.58
C MET A 377 4.32 12.14 7.51
N GLU A 378 3.45 12.87 6.83
CA GLU A 378 2.65 12.33 5.75
C GLU A 378 3.51 11.78 4.62
N ASN A 379 4.72 12.30 4.50
CA ASN A 379 5.63 11.88 3.44
C ASN A 379 6.32 10.54 3.72
N PHE A 380 6.05 9.97 4.90
CA PHE A 380 6.69 8.70 5.25
C PHE A 380 5.70 7.56 5.47
N TYR A 381 4.48 7.75 4.98
CA TYR A 381 3.55 6.62 4.84
C TYR A 381 3.86 5.95 3.51
N THR A 382 4.96 5.23 3.49
CA THR A 382 5.56 4.76 2.25
C THR A 382 5.50 3.25 2.10
N THR A 383 5.77 2.77 0.89
CA THR A 383 5.84 1.34 0.63
C THR A 383 7.00 0.70 1.42
N THR A 384 8.00 1.51 1.76
CA THR A 384 9.08 1.03 2.61
C THR A 384 8.57 0.74 4.03
N VAL A 385 7.92 1.73 4.63
CA VAL A 385 7.37 1.58 5.97
C VAL A 385 6.30 0.50 6.02
N TYR A 386 5.46 0.45 5.01
CA TYR A 386 4.34 -0.50 4.96
C TYR A 386 4.74 -1.91 4.50
N ASP A 387 5.33 -1.99 3.32
CA ASP A 387 5.53 -3.28 2.67
C ASP A 387 6.87 -3.94 3.01
N LYS A 388 7.95 -3.17 3.09
CA LYS A 388 9.18 -3.73 3.62
C LYS A 388 8.99 -4.01 5.11
N GLY A 389 8.27 -3.10 5.77
CA GLY A 389 7.92 -3.29 7.17
C GLY A 389 7.20 -4.61 7.37
N SER A 390 6.28 -4.92 6.46
CA SER A 390 5.52 -6.17 6.53
CA SER A 390 5.52 -6.17 6.54
C SER A 390 6.43 -7.38 6.39
N GLU A 391 7.40 -7.28 5.47
CA GLU A 391 8.33 -8.36 5.23
C GLU A 391 9.24 -8.58 6.44
N VAL A 392 9.61 -7.48 7.10
CA VAL A 392 10.41 -7.55 8.31
C VAL A 392 9.61 -8.19 9.44
N MET A 393 8.32 -7.90 9.48
CA MET A 393 7.43 -8.50 10.47
C MET A 393 7.16 -9.97 10.14
N ARG A 394 7.12 -10.28 8.85
CA ARG A 394 6.87 -11.65 8.40
C ARG A 394 8.07 -12.57 8.65
N MET A 395 9.27 -11.99 8.61
CA MET A 395 10.48 -12.78 8.84
C MET A 395 10.53 -13.35 10.26
N TYR A 396 9.93 -12.66 11.23
CA TYR A 396 9.82 -13.18 12.59
C TYR A 396 9.11 -14.53 12.59
N LEU A 397 8.04 -14.62 11.80
CA LEU A 397 7.26 -15.84 11.69
C LEU A 397 8.07 -16.94 11.01
N THR A 398 8.83 -16.58 9.99
CA THR A 398 9.70 -17.52 9.28
C THR A 398 10.77 -18.07 10.21
N ILE A 399 11.37 -17.18 11.01
CA ILE A 399 12.43 -17.58 11.95
C ILE A 399 11.89 -18.46 13.06
N LEU A 400 10.79 -18.04 13.68
CA LEU A 400 10.27 -18.70 14.87
C LEU A 400 9.38 -19.90 14.57
N GLY A 401 8.74 -19.89 13.40
CA GLY A 401 7.74 -20.89 13.11
C GLY A 401 6.40 -20.47 13.72
N GLU A 402 5.32 -21.09 13.27
CA GLU A 402 3.98 -20.67 13.65
C GLU A 402 3.71 -20.73 15.15
N GLU A 403 4.13 -21.82 15.79
CA GLU A 403 3.85 -22.02 17.21
C GLU A 403 4.50 -20.95 18.08
N TYR A 404 5.79 -20.73 17.89
CA TYR A 404 6.52 -19.79 18.73
C TYR A 404 6.28 -18.33 18.32
N TYR A 405 5.88 -18.11 17.08
CA TYR A 405 5.51 -16.76 16.66
C TYR A 405 4.23 -16.31 17.35
N LYS A 406 3.27 -17.23 17.43
CA LYS A 406 2.00 -16.94 18.09
C LYS A 406 2.21 -16.68 19.58
N LYS A 407 3.21 -17.33 20.16
CA LYS A 407 3.54 -17.12 21.56
C LYS A 407 4.20 -15.77 21.76
N GLY A 408 5.13 -15.43 20.87
CA GLY A 408 5.80 -14.14 20.93
C GLY A 408 4.86 -12.99 20.68
N PHE A 409 3.92 -13.19 19.76
CA PHE A 409 2.94 -12.17 19.42
C PHE A 409 2.01 -11.94 20.62
N ASP A 410 1.65 -13.02 21.30
CA ASP A 410 0.76 -12.93 22.45
C ASP A 410 1.44 -12.19 23.60
N ILE A 411 2.74 -12.42 23.76
CA ILE A 411 3.53 -11.71 24.75
C ILE A 411 3.49 -10.20 24.46
N TYR A 412 3.64 -9.84 23.19
CA TYR A 412 3.63 -8.44 22.78
C TYR A 412 2.30 -7.77 23.09
N ILE A 413 1.20 -8.48 22.82
CA ILE A 413 -0.13 -7.94 23.06
C ILE A 413 -0.40 -7.77 24.56
N LYS A 414 -0.16 -8.83 25.32
CA LYS A 414 -0.46 -8.82 26.75
C LYS A 414 0.41 -7.84 27.53
N LYS A 415 1.65 -7.63 27.07
CA LYS A 415 2.59 -6.78 27.79
C LYS A 415 2.43 -5.30 27.42
N ASN A 416 1.75 -5.02 26.31
CA ASN A 416 1.64 -3.65 25.83
C ASN A 416 0.21 -3.19 25.56
N ASP A 417 -0.77 -4.03 25.89
CA ASP A 417 -2.16 -3.68 25.68
C ASP A 417 -2.55 -2.47 26.52
N GLY A 418 -3.18 -1.49 25.87
CA GLY A 418 -3.61 -0.27 26.55
C GLY A 418 -2.48 0.72 26.72
N ASN A 419 -1.34 0.46 26.09
CA ASN A 419 -0.18 1.33 26.21
C ASN A 419 0.45 1.69 24.88
N THR A 420 1.31 2.71 24.91
CA THR A 420 2.12 3.06 23.75
C THR A 420 3.26 2.05 23.64
N ALA A 421 3.86 1.94 22.47
CA ALA A 421 4.96 0.99 22.28
C ALA A 421 5.94 1.45 21.21
N THR A 422 7.14 0.88 21.23
CA THR A 422 8.16 1.15 20.24
C THR A 422 8.52 -0.14 19.50
N CYS A 423 9.32 -0.01 18.44
CA CYS A 423 9.74 -1.18 17.67
C CYS A 423 10.56 -2.14 18.54
N GLU A 424 11.28 -1.59 19.51
CA GLU A 424 12.07 -2.39 20.43
C GLU A 424 11.19 -3.32 21.27
N ASP A 425 10.00 -2.85 21.62
CA ASP A 425 9.06 -3.64 22.40
C ASP A 425 8.67 -4.92 21.69
N PHE A 426 8.43 -4.81 20.38
CA PHE A 426 8.02 -5.97 19.60
C PHE A 426 9.18 -6.95 19.42
N ASN A 427 10.36 -6.41 19.12
CA ASN A 427 11.55 -7.24 18.97
C ASN A 427 11.88 -7.97 20.26
N TYR A 428 11.62 -7.30 21.39
CA TYR A 428 11.80 -7.90 22.70
C TYR A 428 10.89 -9.12 22.86
N ALA A 429 9.61 -8.95 22.55
CA ALA A 429 8.63 -10.02 22.67
C ALA A 429 9.00 -11.21 21.78
N MET A 430 9.50 -10.93 20.58
CA MET A 430 9.93 -11.97 19.67
C MET A 430 11.18 -12.67 20.20
N GLU A 431 12.07 -11.89 20.81
CA GLU A 431 13.30 -12.44 21.37
C GLU A 431 13.01 -13.42 22.50
N GLN A 432 11.92 -13.19 23.23
CA GLN A 432 11.51 -14.10 24.28
C GLN A 432 11.11 -15.45 23.69
N ALA A 433 10.37 -15.41 22.58
CA ALA A 433 10.00 -16.62 21.87
C ALA A 433 11.22 -17.26 21.23
N TYR A 434 12.17 -16.42 20.83
CA TYR A 434 13.42 -16.91 20.22
C TYR A 434 14.22 -17.69 21.25
N LYS A 435 14.20 -17.21 22.49
CA LYS A 435 14.86 -17.89 23.60
C LYS A 435 14.22 -19.24 23.86
N MET A 436 12.90 -19.28 23.88
CA MET A 436 12.16 -20.51 24.13
C MET A 436 12.41 -21.54 23.03
N LYS A 437 12.44 -21.07 21.79
CA LYS A 437 12.64 -21.95 20.64
C LYS A 437 14.05 -22.54 20.62
N LYS A 438 15.06 -21.70 20.82
CA LYS A 438 16.45 -22.14 20.79
C LYS A 438 16.84 -22.90 22.06
N ALA A 439 15.94 -22.90 23.04
CA ALA A 439 16.12 -23.60 24.31
C ALA A 439 17.37 -23.15 25.06
N ASP A 440 17.65 -21.86 25.02
CA ASP A 440 18.70 -21.27 25.86
C ASP A 440 18.49 -19.76 25.98
N ASN A 441 18.64 -19.25 27.21
CA ASN A 441 18.37 -17.85 27.49
C ASN A 441 19.48 -16.91 27.01
N SER A 442 20.50 -17.48 26.37
CA SER A 442 21.62 -16.70 25.86
C SER A 442 21.32 -16.14 24.47
N ALA A 443 20.38 -16.78 23.77
CA ALA A 443 20.00 -16.34 22.43
C ALA A 443 19.33 -14.96 22.46
N ASN A 444 19.62 -14.15 21.46
CA ASN A 444 19.05 -12.81 21.38
C ASN A 444 18.80 -12.38 19.93
N LEU A 445 18.07 -11.28 19.78
CA LEU A 445 17.75 -10.75 18.45
C LEU A 445 18.21 -9.31 18.31
N ASN A 446 19.33 -8.96 18.94
CA ASN A 446 19.85 -7.61 18.87
CA ASN A 446 19.87 -7.61 18.88
C ASN A 446 20.25 -7.21 17.46
N GLN A 447 20.81 -8.15 16.72
CA GLN A 447 21.20 -7.90 15.33
C GLN A 447 19.98 -7.62 14.46
N TYR A 448 18.86 -8.23 14.82
CA TYR A 448 17.64 -8.09 14.02
C TYR A 448 17.15 -6.65 13.96
N LEU A 449 17.49 -5.86 14.98
CA LEU A 449 17.09 -4.46 15.04
C LEU A 449 17.62 -3.65 13.86
N LEU A 450 18.67 -4.16 13.23
CA LEU A 450 19.25 -3.50 12.05
C LEU A 450 18.24 -3.41 10.90
N TRP A 451 17.28 -4.33 10.88
CA TRP A 451 16.22 -4.30 9.89
C TRP A 451 15.38 -3.03 10.00
N PHE A 452 15.34 -2.47 11.20
CA PHE A 452 14.57 -1.25 11.44
C PHE A 452 15.36 0.01 11.14
N SER A 453 16.68 -0.05 11.26
CA SER A 453 17.51 1.13 11.20
C SER A 453 18.31 1.27 9.89
N GLN A 454 18.54 0.16 9.22
CA GLN A 454 19.37 0.19 8.01
C GLN A 454 18.54 0.26 6.72
N SER A 455 18.79 1.29 5.93
CA SER A 455 18.09 1.45 4.66
C SER A 455 18.80 0.66 3.56
N GLY A 456 18.12 0.53 2.42
CA GLY A 456 18.69 -0.16 1.28
C GLY A 456 18.35 -1.64 1.23
N THR A 457 18.36 -2.20 0.02
CA THR A 457 18.07 -3.61 -0.18
C THR A 457 19.34 -4.46 -0.17
N PRO A 458 19.41 -5.45 0.72
CA PRO A 458 20.55 -6.35 0.76
C PRO A 458 20.64 -7.21 -0.50
N HIS A 459 21.86 -7.44 -0.98
CA HIS A 459 22.11 -8.35 -2.09
C HIS A 459 22.62 -9.68 -1.58
N VAL A 460 21.99 -10.78 -1.99
CA VAL A 460 22.42 -12.10 -1.55
C VAL A 460 22.82 -12.98 -2.73
N SER A 461 24.07 -13.44 -2.72
CA SER A 461 24.59 -14.26 -3.81
C SER A 461 25.08 -15.61 -3.31
N PHE A 462 25.15 -16.58 -4.22
CA PHE A 462 25.46 -17.95 -3.85
C PHE A 462 26.56 -18.58 -4.70
N LYS A 463 27.28 -19.53 -4.09
CA LYS A 463 28.17 -20.42 -4.81
C LYS A 463 27.96 -21.83 -4.29
N TYR A 464 27.92 -22.81 -5.19
CA TYR A 464 27.62 -24.17 -4.78
C TYR A 464 28.75 -25.14 -5.11
N ASN A 465 28.88 -26.16 -4.28
CA ASN A 465 29.84 -27.23 -4.53
CA ASN A 465 29.85 -27.22 -4.49
C ASN A 465 29.28 -28.57 -4.08
N TYR A 466 29.54 -29.60 -4.88
CA TYR A 466 29.05 -30.93 -4.58
C TYR A 466 30.14 -31.99 -4.79
N ASP A 467 30.37 -32.79 -3.76
CA ASP A 467 31.32 -33.89 -3.86
C ASP A 467 30.56 -35.21 -3.96
N ALA A 468 30.53 -35.79 -5.16
CA ALA A 468 29.75 -37.00 -5.42
C ALA A 468 30.23 -38.19 -4.61
N GLU A 469 31.52 -38.19 -4.27
CA GLU A 469 32.10 -39.31 -3.52
C GLU A 469 31.63 -39.33 -2.08
N LYS A 470 31.54 -38.15 -1.45
CA LYS A 470 31.13 -38.07 -0.05
C LYS A 470 29.65 -37.73 0.12
N LYS A 471 28.96 -37.56 -1.00
CA LYS A 471 27.54 -37.18 -0.99
C LYS A 471 27.32 -35.92 -0.17
N GLN A 472 28.20 -34.94 -0.37
CA GLN A 472 28.22 -33.74 0.46
C GLN A 472 27.97 -32.49 -0.38
N TYR A 473 26.98 -31.71 0.02
CA TYR A 473 26.58 -30.51 -0.73
C TYR A 473 26.83 -29.24 0.08
N SER A 474 27.32 -28.21 -0.60
CA SER A 474 27.64 -26.95 0.07
CA SER A 474 27.65 -26.95 0.07
C SER A 474 26.99 -25.76 -0.62
N ILE A 475 26.44 -24.86 0.20
CA ILE A 475 25.89 -23.61 -0.30
C ILE A 475 26.63 -22.47 0.36
N HIS A 476 27.54 -21.84 -0.40
CA HIS A 476 28.24 -20.67 0.12
C HIS A 476 27.42 -19.43 -0.18
N VAL A 477 27.08 -18.73 0.90
CA VAL A 477 26.24 -17.53 0.84
C VAL A 477 26.97 -16.27 1.30
N ASN A 478 26.89 -15.18 0.52
CA ASN A 478 27.03 -13.82 1.06
C ASN A 478 26.05 -12.77 0.74
N GLN A 479 26.04 -11.84 1.68
CA GLN A 479 25.17 -10.69 1.72
C GLN A 479 25.96 -9.39 1.66
N TYR A 480 25.31 -8.37 1.11
CA TYR A 480 25.92 -7.07 0.92
C TYR A 480 24.84 -6.02 0.67
N THR A 481 24.92 -4.90 1.39
CA THR A 481 24.04 -3.77 1.13
C THR A 481 24.89 -2.59 0.67
N LYS A 482 24.50 -1.98 -0.45
CA LYS A 482 25.23 -0.83 -0.98
C LYS A 482 25.10 0.36 -0.04
N PRO A 483 26.23 1.03 0.24
CA PRO A 483 26.20 2.25 1.05
C PRO A 483 25.31 3.32 0.42
N ASP A 484 24.66 4.12 1.25
CA ASP A 484 23.86 5.24 0.74
C ASP A 484 24.06 6.47 1.62
N GLU A 485 23.09 7.39 1.58
CA GLU A 485 23.22 8.63 2.33
C GLU A 485 22.75 8.48 3.78
N ASN A 486 22.31 7.28 4.14
CA ASN A 486 21.83 7.03 5.49
C ASN A 486 22.88 6.36 6.37
N GLN A 487 23.57 5.37 5.81
CA GLN A 487 24.67 4.72 6.51
C GLN A 487 25.94 4.70 5.68
N LYS A 488 27.02 5.22 6.25
CA LYS A 488 28.33 5.18 5.59
C LYS A 488 28.78 3.73 5.41
N GLU A 489 28.71 2.96 6.49
CA GLU A 489 29.03 1.54 6.45
C GLU A 489 27.80 0.70 6.75
N LYS A 490 27.54 -0.29 5.91
CA LYS A 490 26.41 -1.20 6.11
C LYS A 490 26.86 -2.41 6.92
N LYS A 491 25.96 -2.95 7.74
CA LYS A 491 26.28 -4.11 8.55
C LYS A 491 25.50 -5.33 8.07
N PRO A 492 26.07 -6.53 8.29
CA PRO A 492 25.36 -7.78 7.96
C PRO A 492 24.06 -7.90 8.75
N LEU A 493 22.99 -8.32 8.07
CA LEU A 493 21.69 -8.46 8.72
C LEU A 493 21.41 -9.91 9.08
N PHE A 494 20.42 -10.14 9.93
CA PHE A 494 19.92 -11.48 10.16
C PHE A 494 19.00 -11.83 8.99
N ILE A 495 19.50 -12.67 8.09
CA ILE A 495 18.73 -13.07 6.92
C ILE A 495 18.33 -14.54 7.00
N PRO A 496 17.03 -14.81 7.16
CA PRO A 496 16.51 -16.18 7.15
C PRO A 496 16.31 -16.68 5.72
N ILE A 497 17.01 -17.75 5.36
CA ILE A 497 16.93 -18.26 4.00
C ILE A 497 16.22 -19.62 3.96
N SER A 498 14.94 -19.60 3.64
CA SER A 498 14.17 -20.83 3.50
CA SER A 498 14.18 -20.83 3.50
C SER A 498 14.62 -21.58 2.25
N VAL A 499 15.10 -22.80 2.43
CA VAL A 499 15.62 -23.56 1.29
C VAL A 499 15.07 -24.99 1.18
N GLY A 500 15.08 -25.48 -0.05
CA GLY A 500 14.83 -26.88 -0.33
C GLY A 500 15.90 -27.34 -1.31
N LEU A 501 16.08 -28.64 -1.43
CA LEU A 501 17.00 -29.19 -2.40
C LEU A 501 16.24 -30.11 -3.35
N ILE A 502 16.22 -29.75 -4.62
CA ILE A 502 15.46 -30.51 -5.61
C ILE A 502 16.35 -31.49 -6.37
N ASN A 503 15.95 -32.76 -6.38
CA ASN A 503 16.60 -33.77 -7.20
C ASN A 503 16.27 -33.53 -8.67
N PRO A 504 17.28 -33.17 -9.46
CA PRO A 504 17.07 -32.82 -10.87
C PRO A 504 16.60 -34.00 -11.72
N GLU A 505 16.77 -35.22 -11.21
CA GLU A 505 16.41 -36.41 -11.98
C GLU A 505 14.92 -36.75 -11.88
N ASN A 506 14.31 -36.50 -10.74
CA ASN A 506 12.89 -36.81 -10.57
C ASN A 506 12.06 -35.65 -10.02
N GLY A 507 12.72 -34.54 -9.68
CA GLY A 507 12.03 -33.36 -9.21
C GLY A 507 11.52 -33.44 -7.78
N LYS A 508 12.03 -34.41 -7.02
CA LYS A 508 11.57 -34.61 -5.65
C LYS A 508 12.39 -33.80 -4.64
N GLU A 509 11.79 -33.59 -3.46
CA GLU A 509 12.48 -32.94 -2.34
C GLU A 509 13.56 -33.87 -1.79
N MET A 510 14.73 -33.32 -1.50
CA MET A 510 15.84 -34.13 -1.00
C MET A 510 16.06 -33.95 0.50
N ILE A 511 15.62 -32.80 1.03
CA ILE A 511 15.69 -32.56 2.46
C ILE A 511 14.38 -32.00 2.98
N SER A 512 14.18 -32.08 4.30
CA SER A 512 13.00 -31.51 4.93
C SER A 512 13.08 -29.99 4.92
N GLN A 513 12.00 -29.34 5.34
CA GLN A 513 11.93 -27.89 5.42
C GLN A 513 13.10 -27.33 6.23
N THR A 514 13.80 -26.36 5.68
CA THR A 514 14.98 -25.82 6.33
C THR A 514 15.10 -24.32 6.13
N THR A 515 15.34 -23.61 7.23
CA THR A 515 15.59 -22.17 7.18
C THR A 515 17.01 -21.87 7.63
N LEU A 516 17.86 -21.51 6.68
CA LEU A 516 19.24 -21.14 6.99
C LEU A 516 19.28 -19.76 7.63
N GLU A 517 20.00 -19.65 8.74
CA GLU A 517 20.12 -18.38 9.43
C GLU A 517 21.47 -17.72 9.12
N LEU A 518 21.45 -16.80 8.16
CA LEU A 518 22.65 -16.06 7.79
C LEU A 518 22.80 -14.82 8.66
N THR A 519 23.84 -14.81 9.49
CA THR A 519 24.06 -13.70 10.42
C THR A 519 25.36 -12.97 10.15
N LYS A 520 26.21 -13.55 9.33
CA LYS A 520 27.49 -12.95 8.98
C LYS A 520 27.48 -12.40 7.56
N GLU A 521 28.58 -11.74 7.19
CA GLU A 521 28.75 -11.23 5.84
C GLU A 521 28.71 -12.38 4.84
N SER A 522 29.27 -13.52 5.25
CA SER A 522 29.24 -14.71 4.43
C SER A 522 29.25 -15.96 5.29
N ASP A 523 28.67 -17.04 4.78
CA ASP A 523 28.70 -18.32 5.48
C ASP A 523 28.63 -19.48 4.50
N THR A 524 29.04 -20.66 4.96
CA THR A 524 28.96 -21.85 4.14
C THR A 524 28.10 -22.89 4.83
N PHE A 525 26.97 -23.23 4.22
CA PHE A 525 26.06 -24.23 4.78
C PHE A 525 26.25 -25.57 4.08
N VAL A 526 26.62 -26.58 4.86
CA VAL A 526 26.96 -27.89 4.32
C VAL A 526 25.88 -28.92 4.61
N PHE A 527 25.62 -29.79 3.65
CA PHE A 527 24.60 -30.83 3.80
C PHE A 527 25.18 -32.21 3.52
N ASN A 528 25.05 -33.12 4.48
CA ASN A 528 25.50 -34.50 4.31
C ASN A 528 24.42 -35.41 3.76
N ASN A 529 24.82 -36.57 3.27
CA ASN A 529 23.90 -37.57 2.74
C ASN A 529 23.02 -37.02 1.63
N ILE A 530 23.62 -36.26 0.74
CA ILE A 530 22.94 -35.77 -0.46
C ILE A 530 23.32 -36.67 -1.63
N ALA A 531 22.38 -37.52 -2.05
CA ALA A 531 22.66 -38.62 -2.97
C ALA A 531 23.17 -38.17 -4.35
N VAL A 532 22.59 -37.09 -4.86
CA VAL A 532 23.01 -36.55 -6.16
C VAL A 532 23.12 -35.03 -6.05
N LYS A 533 23.79 -34.42 -7.02
CA LYS A 533 23.89 -32.96 -7.05
C LYS A 533 22.51 -32.34 -7.21
N PRO A 534 22.07 -31.55 -6.22
CA PRO A 534 20.73 -30.98 -6.25
C PRO A 534 20.67 -29.66 -7.00
N ILE A 535 19.45 -29.20 -7.26
CA ILE A 535 19.24 -27.82 -7.66
C ILE A 535 18.62 -27.10 -6.47
N PRO A 536 19.31 -26.08 -5.96
CA PRO A 536 18.86 -25.39 -4.74
C PRO A 536 17.60 -24.56 -4.97
N SER A 537 16.64 -24.72 -4.06
CA SER A 537 15.43 -23.90 -4.05
C SER A 537 15.56 -22.85 -2.96
N LEU A 538 15.92 -21.63 -3.34
CA LEU A 538 16.38 -20.63 -2.38
C LEU A 538 15.38 -19.52 -2.10
N PHE A 539 15.31 -19.13 -0.83
CA PHE A 539 14.38 -18.10 -0.36
C PHE A 539 12.94 -18.47 -0.69
N ARG A 540 12.54 -19.68 -0.32
CA ARG A 540 11.19 -20.16 -0.55
C ARG A 540 10.17 -19.24 0.12
N GLY A 541 9.12 -18.90 -0.62
CA GLY A 541 8.10 -17.98 -0.14
C GLY A 541 8.61 -16.55 -0.06
N PHE A 542 9.77 -16.31 -0.70
CA PHE A 542 10.48 -15.03 -0.59
C PHE A 542 10.73 -14.70 0.87
N SER A 543 11.61 -15.48 1.50
CA SER A 543 11.77 -15.46 2.95
C SER A 543 12.52 -14.25 3.48
N ALA A 544 13.03 -13.41 2.59
CA ALA A 544 13.71 -12.18 3.00
C ALA A 544 13.62 -11.13 1.90
N PRO A 545 13.43 -9.86 2.28
CA PRO A 545 13.33 -8.76 1.32
C PRO A 545 14.70 -8.37 0.76
N VAL A 546 15.20 -9.16 -0.19
CA VAL A 546 16.54 -8.98 -0.73
C VAL A 546 16.59 -9.15 -2.25
N TYR A 547 17.66 -8.67 -2.85
CA TYR A 547 17.99 -9.03 -4.22
C TYR A 547 18.60 -10.43 -4.22
N ILE A 548 17.93 -11.37 -4.88
CA ILE A 548 18.43 -12.74 -4.93
C ILE A 548 19.24 -12.98 -6.18
N GLU A 549 20.50 -13.40 -5.99
CA GLU A 549 21.36 -13.75 -7.10
C GLU A 549 21.70 -15.24 -7.00
N ASP A 550 20.86 -16.07 -7.62
CA ASP A 550 20.91 -17.52 -7.42
C ASP A 550 22.06 -18.21 -8.14
N GLN A 551 22.67 -17.51 -9.09
CA GLN A 551 23.82 -18.02 -9.86
C GLN A 551 23.52 -19.38 -10.51
N LEU A 552 22.26 -19.61 -10.85
CA LEU A 552 21.87 -20.83 -11.52
C LEU A 552 21.91 -20.67 -13.03
N THR A 553 22.15 -21.76 -13.75
CA THR A 553 22.03 -21.74 -15.20
C THR A 553 20.55 -21.66 -15.56
N ASP A 554 20.25 -21.27 -16.80
CA ASP A 554 18.87 -21.23 -17.23
C ASP A 554 18.26 -22.62 -17.26
N GLU A 555 19.08 -23.63 -17.55
CA GLU A 555 18.65 -25.02 -17.51
C GLU A 555 18.14 -25.39 -16.12
N GLU A 556 18.88 -25.01 -15.09
CA GLU A 556 18.49 -25.27 -13.71
C GLU A 556 17.23 -24.50 -13.32
N ARG A 557 17.15 -23.25 -13.77
CA ARG A 557 15.98 -22.41 -13.49
C ARG A 557 14.72 -22.99 -14.13
N ILE A 558 14.87 -23.53 -15.34
CA ILE A 558 13.75 -24.15 -16.03
C ILE A 558 13.25 -25.37 -15.26
N LEU A 559 14.18 -26.16 -14.73
CA LEU A 559 13.83 -27.35 -13.97
C LEU A 559 13.07 -26.99 -12.69
N LEU A 560 13.49 -25.91 -12.04
CA LEU A 560 12.78 -25.41 -10.88
C LEU A 560 11.39 -24.91 -11.27
N LEU A 561 11.34 -24.15 -12.36
CA LEU A 561 10.07 -23.62 -12.86
C LEU A 561 9.05 -24.72 -13.10
N LYS A 562 9.51 -25.87 -13.59
CA LYS A 562 8.61 -26.97 -13.90
C LYS A 562 8.30 -27.86 -12.70
N TYR A 563 9.29 -28.08 -11.84
CA TYR A 563 9.18 -29.16 -10.87
C TYR A 563 9.33 -28.79 -9.39
N ASP A 564 9.71 -27.56 -9.08
CA ASP A 564 9.87 -27.16 -7.69
C ASP A 564 8.50 -27.08 -7.00
N SER A 565 8.50 -27.17 -5.68
CA SER A 565 7.25 -27.19 -4.92
C SER A 565 6.84 -25.81 -4.43
N ASP A 566 7.78 -24.87 -4.43
CA ASP A 566 7.50 -23.54 -3.92
C ASP A 566 7.10 -22.58 -5.03
N ALA A 567 5.95 -21.92 -4.85
CA ALA A 567 5.39 -21.02 -5.84
C ALA A 567 6.33 -19.87 -6.20
N PHE A 568 6.91 -19.23 -5.19
CA PHE A 568 7.77 -18.09 -5.44
C PHE A 568 9.05 -18.46 -6.20
N VAL A 569 9.69 -19.55 -5.79
CA VAL A 569 10.96 -19.93 -6.40
C VAL A 569 10.76 -20.26 -7.87
N ARG A 570 9.62 -20.90 -8.18
CA ARG A 570 9.26 -21.14 -9.57
C ARG A 570 9.10 -19.81 -10.29
N TYR A 571 8.30 -18.93 -9.69
CA TYR A 571 8.04 -17.59 -10.19
C TYR A 571 9.32 -16.77 -10.34
N ASN A 572 10.22 -16.90 -9.38
CA ASN A 572 11.48 -16.16 -9.42
C ASN A 572 12.45 -16.73 -10.44
N SER A 573 12.45 -18.05 -10.59
CA SER A 573 13.29 -18.69 -11.59
C SER A 573 12.91 -18.18 -12.98
N CYS A 574 11.61 -18.13 -13.23
CA CYS A 574 11.09 -17.55 -14.47
C CYS A 574 11.53 -16.09 -14.61
N THR A 575 11.40 -15.34 -13.53
CA THR A 575 11.82 -13.93 -13.50
C THR A 575 13.30 -13.78 -13.85
N ASN A 576 14.13 -14.65 -13.28
CA ASN A 576 15.57 -14.57 -13.50
C ASN A 576 15.96 -14.94 -14.94
N ILE A 577 15.25 -15.88 -15.53
CA ILE A 577 15.45 -16.23 -16.94
C ILE A 577 15.13 -15.01 -17.81
N TYR A 578 13.99 -14.39 -17.52
CA TYR A 578 13.56 -13.17 -18.22
C TYR A 578 14.57 -12.05 -18.10
N MET A 579 15.04 -11.79 -16.88
CA MET A 579 15.96 -10.69 -16.64
C MET A 579 17.27 -10.86 -17.39
N LYS A 580 17.80 -12.08 -17.40
CA LYS A 580 19.02 -12.38 -18.14
C LYS A 580 18.82 -12.07 -19.62
N GLN A 581 17.68 -12.51 -20.16
CA GLN A 581 17.34 -12.26 -21.56
C GLN A 581 17.18 -10.76 -21.83
N ILE A 582 16.45 -10.08 -20.94
CA ILE A 582 16.20 -8.65 -21.08
C ILE A 582 17.50 -7.85 -21.07
N LEU A 583 18.37 -8.15 -20.12
CA LEU A 583 19.64 -7.43 -20.00
C LEU A 583 20.53 -7.65 -21.23
N MET A 584 20.49 -8.87 -21.77
CA MET A 584 21.29 -9.21 -22.94
CA MET A 584 21.30 -9.20 -22.94
C MET A 584 20.80 -8.47 -24.18
N ASN A 585 19.51 -8.56 -24.45
CA ASN A 585 18.93 -7.90 -25.61
C ASN A 585 18.99 -6.38 -25.48
N TYR A 586 18.88 -5.87 -24.26
CA TYR A 586 18.96 -4.43 -24.02
C TYR A 586 20.30 -3.88 -24.50
N ASN A 587 21.39 -4.51 -24.06
CA ASN A 587 22.72 -4.07 -24.43
C ASN A 587 22.99 -4.22 -25.92
N GLU A 588 22.43 -5.26 -26.52
CA GLU A 588 22.57 -5.49 -27.95
C GLU A 588 21.86 -4.38 -28.74
N PHE A 589 20.64 -4.05 -28.32
CA PHE A 589 19.91 -2.93 -28.90
C PHE A 589 20.62 -1.61 -28.64
N LEU A 590 21.20 -1.47 -27.45
CA LEU A 590 21.86 -0.23 -27.05
C LEU A 590 23.13 0.02 -27.86
N LYS A 591 23.95 -1.01 -27.99
CA LYS A 591 25.19 -0.92 -28.75
C LYS A 591 24.91 -0.58 -30.21
N ALA A 592 23.86 -1.19 -30.76
CA ALA A 592 23.47 -0.94 -32.14
C ALA A 592 23.03 0.51 -32.33
N LYS A 593 22.38 1.06 -31.30
CA LYS A 593 21.92 2.45 -31.33
C LYS A 593 23.09 3.42 -31.18
N ASN A 594 23.96 3.13 -30.22
CA ASN A 594 25.12 3.97 -29.96
C ASN A 594 26.08 4.01 -31.14
N GLU A 595 26.36 2.84 -31.72
CA GLU A 595 27.33 2.75 -32.80
C GLU A 595 26.68 2.96 -34.17
N LYS A 596 25.37 3.19 -34.17
CA LYS A 596 24.60 3.43 -35.40
C LYS A 596 24.85 2.33 -36.44
N LEU A 597 24.71 1.08 -36.01
CA LEU A 597 25.00 -0.06 -36.87
C LEU A 597 23.93 -0.24 -37.95
N GLU A 598 24.36 -0.67 -39.13
CA GLU A 598 23.45 -0.95 -40.23
C GLU A 598 22.80 -2.31 -40.02
N SER A 599 23.50 -3.19 -39.33
CA SER A 599 22.99 -4.52 -39.03
C SER A 599 23.65 -5.08 -37.78
N PHE A 600 22.96 -5.98 -37.10
CA PHE A 600 23.46 -6.57 -35.86
C PHE A 600 22.63 -7.80 -35.50
N GLN A 601 23.08 -8.53 -34.48
CA GLN A 601 22.37 -9.73 -34.06
C GLN A 601 21.78 -9.59 -32.67
N LEU A 602 20.67 -10.29 -32.44
CA LEU A 602 20.04 -10.37 -31.14
C LEU A 602 20.07 -11.81 -30.65
N THR A 603 20.31 -11.98 -29.35
CA THR A 603 20.25 -13.31 -28.75
C THR A 603 18.81 -13.76 -28.63
N PRO A 604 18.46 -14.86 -29.31
CA PRO A 604 17.09 -15.38 -29.22
C PRO A 604 16.73 -15.83 -27.81
N VAL A 605 15.43 -15.83 -27.52
CA VAL A 605 14.95 -16.33 -26.24
C VAL A 605 15.22 -17.84 -26.16
N ASN A 606 15.63 -18.31 -25.00
CA ASN A 606 15.91 -19.73 -24.79
C ASN A 606 14.74 -20.61 -25.20
N ALA A 607 15.00 -21.53 -26.12
CA ALA A 607 13.96 -22.38 -26.70
C ALA A 607 13.38 -23.35 -25.67
N GLN A 608 14.21 -23.82 -24.76
CA GLN A 608 13.76 -24.74 -23.72
C GLN A 608 12.89 -24.00 -22.71
N PHE A 609 13.16 -22.70 -22.55
CA PHE A 609 12.34 -21.85 -21.68
C PHE A 609 10.94 -21.72 -22.26
N ILE A 610 10.87 -21.43 -23.55
CA ILE A 610 9.59 -21.34 -24.25
C ILE A 610 8.85 -22.67 -24.18
N ASP A 611 9.59 -23.77 -24.33
CA ASP A 611 9.03 -25.10 -24.20
C ASP A 611 8.45 -25.34 -22.80
N ALA A 612 9.10 -24.78 -21.79
CA ALA A 612 8.66 -24.92 -20.41
C ALA A 612 7.37 -24.16 -20.16
N ILE A 613 7.27 -22.97 -20.74
CA ILE A 613 6.06 -22.16 -20.64
C ILE A 613 4.88 -22.91 -21.25
N LYS A 614 5.09 -23.46 -22.44
CA LYS A 614 4.08 -24.24 -23.13
C LYS A 614 3.61 -25.42 -22.27
N TYR A 615 4.58 -26.10 -21.68
CA TYR A 615 4.33 -27.23 -20.79
C TYR A 615 3.39 -26.86 -19.63
N LEU A 616 3.71 -25.76 -18.96
CA LEU A 616 2.91 -25.32 -17.82
C LEU A 616 1.52 -24.85 -18.23
N LEU A 617 1.46 -24.08 -19.31
CA LEU A 617 0.20 -23.54 -19.80
C LEU A 617 -0.80 -24.64 -20.17
N GLU A 618 -0.28 -25.75 -20.68
CA GLU A 618 -1.14 -26.84 -21.14
C GLU A 618 -1.49 -27.81 -20.01
N ASP A 619 -0.87 -27.64 -18.85
CA ASP A 619 -1.16 -28.48 -17.70
C ASP A 619 -2.44 -28.01 -17.01
N PRO A 620 -3.51 -28.84 -17.08
CA PRO A 620 -4.82 -28.48 -16.53
C PRO A 620 -4.82 -28.39 -15.01
N HIS A 621 -3.87 -29.07 -14.37
CA HIS A 621 -3.78 -29.07 -12.91
C HIS A 621 -2.97 -27.89 -12.41
N ALA A 622 -2.40 -27.11 -13.33
CA ALA A 622 -1.62 -25.94 -12.97
C ALA A 622 -2.51 -24.72 -12.77
N ASP A 623 -2.07 -23.80 -11.91
CA ASP A 623 -2.89 -22.67 -11.51
C ASP A 623 -2.93 -21.56 -12.56
N ALA A 624 -4.15 -21.10 -12.86
CA ALA A 624 -4.36 -20.08 -13.89
C ALA A 624 -3.67 -18.76 -13.54
N GLY A 625 -3.69 -18.39 -12.26
CA GLY A 625 -3.06 -17.17 -11.82
C GLY A 625 -1.56 -17.23 -12.02
N PHE A 626 -0.96 -18.35 -11.62
CA PHE A 626 0.48 -18.56 -11.81
C PHE A 626 0.83 -18.49 -13.29
N LYS A 627 -0.03 -19.05 -14.14
CA LYS A 627 0.17 -19.04 -15.58
C LYS A 627 0.23 -17.62 -16.14
N SER A 628 -0.59 -16.73 -15.59
CA SER A 628 -0.63 -15.35 -16.06
C SER A 628 0.69 -14.63 -15.76
N TYR A 629 1.37 -15.06 -14.70
CA TYR A 629 2.65 -14.46 -14.33
C TYR A 629 3.78 -14.89 -15.26
N ILE A 630 3.79 -16.16 -15.66
CA ILE A 630 4.93 -16.67 -16.42
C ILE A 630 4.94 -16.18 -17.87
N VAL A 631 3.78 -15.78 -18.39
CA VAL A 631 3.71 -15.27 -19.76
C VAL A 631 3.90 -13.76 -19.79
N SER A 632 4.07 -13.17 -18.61
CA SER A 632 4.29 -11.73 -18.48
C SER A 632 5.74 -11.45 -18.10
N LEU A 633 6.37 -10.52 -18.81
CA LEU A 633 7.71 -10.07 -18.46
C LEU A 633 7.66 -9.33 -17.13
N PRO A 634 8.80 -9.27 -16.41
CA PRO A 634 8.85 -8.53 -15.14
C PRO A 634 8.44 -7.06 -15.31
N GLN A 635 7.88 -6.49 -14.25
CA GLN A 635 7.49 -5.07 -14.23
C GLN A 635 8.66 -4.18 -14.65
N ASP A 636 8.36 -3.10 -15.36
CA ASP A 636 9.37 -2.14 -15.77
C ASP A 636 10.15 -1.62 -14.57
N ARG A 637 9.45 -1.37 -13.46
CA ARG A 637 10.10 -0.81 -12.27
C ARG A 637 10.96 -1.83 -11.54
N TYR A 638 10.76 -3.11 -11.84
CA TYR A 638 11.65 -4.16 -11.34
C TYR A 638 12.92 -4.17 -12.19
N ILE A 639 12.74 -4.08 -13.50
CA ILE A 639 13.83 -4.10 -14.45
C ILE A 639 14.82 -2.95 -14.26
N ILE A 640 14.30 -1.75 -14.02
CA ILE A 640 15.12 -0.55 -13.96
CA ILE A 640 15.11 -0.54 -13.96
C ILE A 640 16.12 -0.60 -12.81
N ASN A 641 15.84 -1.42 -11.80
CA ASN A 641 16.77 -1.59 -10.69
C ASN A 641 18.06 -2.30 -11.10
N PHE A 642 18.07 -2.84 -12.32
CA PHE A 642 19.23 -3.59 -12.80
C PHE A 642 19.91 -2.91 -13.98
N VAL A 643 19.45 -1.71 -14.34
CA VAL A 643 19.98 -1.00 -15.49
C VAL A 643 20.40 0.43 -15.16
N SER A 644 21.63 0.78 -15.50
CA SER A 644 22.12 2.14 -15.34
C SER A 644 21.86 2.94 -16.61
N ASN A 645 21.53 4.22 -16.44
CA ASN A 645 21.24 5.11 -17.57
C ASN A 645 20.24 4.51 -18.54
N LEU A 646 19.12 4.03 -18.00
CA LEU A 646 18.10 3.34 -18.80
C LEU A 646 17.55 4.18 -19.93
N ASP A 647 17.77 3.72 -21.16
CA ASP A 647 17.12 4.29 -22.33
C ASP A 647 15.76 3.60 -22.46
N THR A 648 14.69 4.34 -22.18
CA THR A 648 13.36 3.75 -22.11
C THR A 648 12.88 3.24 -23.46
N ASP A 649 13.34 3.86 -24.55
CA ASP A 649 13.00 3.39 -25.88
C ASP A 649 13.63 2.03 -26.16
N VAL A 650 14.88 1.88 -25.77
CA VAL A 650 15.62 0.64 -25.97
C VAL A 650 14.98 -0.49 -25.15
N LEU A 651 14.58 -0.18 -23.92
CA LEU A 651 13.90 -1.16 -23.09
C LEU A 651 12.57 -1.55 -23.71
N ALA A 652 11.86 -0.57 -24.27
CA ALA A 652 10.61 -0.83 -24.96
C ALA A 652 10.84 -1.74 -26.16
N ASP A 653 11.91 -1.46 -26.91
CA ASP A 653 12.31 -2.32 -28.02
C ASP A 653 12.63 -3.74 -27.55
N THR A 654 13.34 -3.82 -26.43
CA THR A 654 13.76 -5.10 -25.88
C THR A 654 12.57 -5.96 -25.49
N LYS A 655 11.62 -5.37 -24.78
CA LYS A 655 10.41 -6.08 -24.36
C LYS A 655 9.63 -6.58 -25.56
N GLU A 656 9.48 -5.71 -26.56
CA GLU A 656 8.73 -6.03 -27.76
C GLU A 656 9.34 -7.21 -28.52
N TYR A 657 10.66 -7.23 -28.59
CA TYR A 657 11.37 -8.33 -29.24
C TYR A 657 11.13 -9.66 -28.51
N ILE A 658 11.21 -9.60 -27.18
CA ILE A 658 11.09 -10.80 -26.36
C ILE A 658 9.67 -11.35 -26.41
N TYR A 659 8.67 -10.48 -26.28
CA TYR A 659 7.28 -10.90 -26.40
C TYR A 659 6.98 -11.50 -27.77
N LYS A 660 7.60 -10.95 -28.81
CA LYS A 660 7.37 -11.41 -30.18
C LYS A 660 8.00 -12.78 -30.41
N GLN A 661 9.18 -12.98 -29.85
CA GLN A 661 9.87 -14.27 -29.91
C GLN A 661 9.02 -15.38 -29.30
N ILE A 662 8.50 -15.13 -28.10
CA ILE A 662 7.67 -16.11 -27.41
C ILE A 662 6.33 -16.28 -28.12
N GLY A 663 5.75 -15.16 -28.56
CA GLY A 663 4.48 -15.17 -29.27
C GLY A 663 4.53 -15.94 -30.57
N ASP A 664 5.62 -15.78 -31.32
CA ASP A 664 5.78 -16.46 -32.60
C ASP A 664 5.76 -17.99 -32.45
N LYS A 665 5.99 -18.47 -31.23
CA LYS A 665 5.96 -19.90 -30.96
C LYS A 665 4.68 -20.35 -30.25
N LEU A 666 4.13 -19.49 -29.39
CA LEU A 666 3.07 -19.92 -28.49
C LEU A 666 1.71 -19.27 -28.73
N ASN A 667 1.58 -18.42 -29.74
CA ASN A 667 0.31 -17.72 -29.98
C ASN A 667 -0.87 -18.65 -30.20
N ASP A 668 -0.64 -19.76 -30.88
CA ASP A 668 -1.70 -20.74 -31.11
C ASP A 668 -2.13 -21.39 -29.79
N VAL A 669 -1.15 -21.65 -28.92
CA VAL A 669 -1.43 -22.17 -27.60
C VAL A 669 -2.21 -21.14 -26.78
N TYR A 670 -1.83 -19.87 -26.93
CA TYR A 670 -2.50 -18.77 -26.25
C TYR A 670 -3.97 -18.70 -26.66
N TYR A 671 -4.22 -18.75 -27.96
CA TYR A 671 -5.58 -18.65 -28.48
C TYR A 671 -6.43 -19.84 -28.06
N LYS A 672 -5.84 -21.03 -28.12
CA LYS A 672 -6.52 -22.26 -27.73
C LYS A 672 -6.95 -22.23 -26.27
N MET A 673 -6.08 -21.68 -25.43
CA MET A 673 -6.38 -21.55 -24.00
C MET A 673 -7.43 -20.49 -23.73
N PHE A 674 -7.35 -19.38 -24.46
CA PHE A 674 -8.31 -18.29 -24.33
C PHE A 674 -9.74 -18.78 -24.61
N LYS A 675 -9.86 -19.71 -25.53
CA LYS A 675 -11.18 -20.23 -25.91
C LYS A 675 -11.67 -21.28 -24.93
N SER A 676 -10.76 -22.11 -24.43
CA SER A 676 -11.13 -23.22 -23.56
C SER A 676 -11.42 -22.75 -22.14
N LEU A 677 -10.85 -21.62 -21.74
CA LEU A 677 -11.04 -21.09 -20.40
C LEU A 677 -12.35 -20.35 -20.23
N GLU A 678 -12.97 -19.99 -21.37
CA GLU A 678 -14.15 -19.12 -21.38
C GLU A 678 -15.29 -19.60 -20.48
N ALA A 679 -15.61 -20.89 -20.58
CA ALA A 679 -16.75 -21.46 -19.84
C ALA A 679 -16.64 -21.26 -18.33
N LYS A 680 -15.51 -21.66 -17.76
CA LYS A 680 -15.33 -21.58 -16.32
C LYS A 680 -15.05 -20.15 -15.86
N ALA A 681 -14.25 -19.42 -16.64
CA ALA A 681 -13.85 -18.07 -16.27
C ALA A 681 -15.03 -17.11 -16.23
N ASP A 682 -15.94 -17.23 -17.19
CA ASP A 682 -17.04 -16.29 -17.32
C ASP A 682 -18.38 -16.85 -16.82
N ASP A 683 -18.32 -17.90 -16.01
CA ASP A 683 -19.51 -18.52 -15.44
C ASP A 683 -20.35 -17.49 -14.67
N LEU A 684 -21.64 -17.42 -15.00
CA LEU A 684 -22.52 -16.42 -14.42
C LEU A 684 -23.42 -16.96 -13.31
N THR A 685 -23.15 -18.18 -12.87
CA THR A 685 -23.98 -18.86 -11.87
C THR A 685 -24.22 -18.01 -10.62
N TYR A 686 -23.18 -17.32 -10.16
CA TYR A 686 -23.28 -16.55 -8.93
C TYR A 686 -23.11 -15.05 -9.16
N PHE A 687 -23.43 -14.60 -10.36
CA PHE A 687 -23.25 -13.19 -10.71
C PHE A 687 -24.13 -12.25 -9.87
N ASN A 688 -25.27 -12.76 -9.42
CA ASN A 688 -26.15 -11.95 -8.58
C ASN A 688 -26.07 -12.32 -7.09
N ASP A 689 -25.04 -13.08 -6.74
CA ASP A 689 -24.75 -13.36 -5.33
C ASP A 689 -23.50 -12.59 -4.94
N GLU A 690 -23.69 -11.49 -4.22
CA GLU A 690 -22.61 -10.59 -3.88
C GLU A 690 -21.71 -11.10 -2.76
N SER A 691 -22.13 -12.19 -2.11
CA SER A 691 -21.33 -12.76 -1.03
C SER A 691 -20.47 -13.91 -1.53
N HIS A 692 -20.71 -14.33 -2.77
CA HIS A 692 -19.98 -15.45 -3.36
C HIS A 692 -18.83 -14.95 -4.23
N VAL A 693 -17.61 -15.09 -3.72
CA VAL A 693 -16.43 -14.65 -4.45
C VAL A 693 -15.45 -15.80 -4.69
N ASP A 694 -15.12 -16.03 -5.95
CA ASP A 694 -14.27 -17.13 -6.35
C ASP A 694 -12.95 -16.59 -6.90
N PHE A 695 -11.92 -16.60 -6.08
CA PHE A 695 -10.63 -16.04 -6.46
C PHE A 695 -9.94 -16.86 -7.56
N ASP A 696 -10.25 -18.15 -7.62
CA ASP A 696 -9.70 -18.99 -8.68
CA ASP A 696 -9.72 -19.00 -8.68
C ASP A 696 -10.31 -18.60 -10.03
N GLN A 697 -11.61 -18.40 -10.05
CA GLN A 697 -12.32 -18.01 -11.26
C GLN A 697 -11.81 -16.65 -11.76
N MET A 698 -11.60 -15.72 -10.83
CA MET A 698 -11.08 -14.41 -11.19
C MET A 698 -9.66 -14.50 -11.74
N ASN A 699 -8.90 -15.48 -11.26
CA ASN A 699 -7.56 -15.74 -11.81
C ASN A 699 -7.65 -16.26 -13.24
N MET A 700 -8.67 -17.07 -13.52
CA MET A 700 -8.89 -17.58 -14.87
C MET A 700 -9.20 -16.43 -15.82
N ARG A 701 -9.97 -15.46 -15.33
CA ARG A 701 -10.28 -14.26 -16.11
C ARG A 701 -9.03 -13.42 -16.31
N THR A 702 -8.17 -13.38 -15.29
CA THR A 702 -6.91 -12.67 -15.39
C THR A 702 -6.05 -13.29 -16.50
N LEU A 703 -5.99 -14.62 -16.53
CA LEU A 703 -5.23 -15.32 -17.55
C LEU A 703 -5.78 -15.06 -18.95
N ARG A 704 -7.10 -15.13 -19.09
CA ARG A 704 -7.75 -14.90 -20.37
C ARG A 704 -7.47 -13.49 -20.89
N ASN A 705 -7.58 -12.50 -20.01
CA ASN A 705 -7.36 -11.12 -20.40
C ASN A 705 -5.89 -10.83 -20.65
N THR A 706 -5.02 -11.58 -20.00
CA THR A 706 -3.58 -11.47 -20.25
C THR A 706 -3.25 -12.08 -21.62
N LEU A 707 -3.81 -13.26 -21.89
CA LEU A 707 -3.64 -13.90 -23.18
C LEU A 707 -4.24 -13.07 -24.31
N LEU A 708 -5.40 -12.48 -24.06
CA LEU A 708 -6.07 -11.65 -25.07
C LEU A 708 -5.21 -10.45 -25.43
N SER A 709 -4.57 -9.86 -24.42
CA SER A 709 -3.68 -8.72 -24.65
C SER A 709 -2.50 -9.12 -25.52
N LEU A 710 -1.90 -10.27 -25.20
CA LEU A 710 -0.77 -10.79 -25.98
C LEU A 710 -1.16 -11.06 -27.42
N LEU A 711 -2.35 -11.63 -27.61
CA LEU A 711 -2.84 -11.97 -28.94
C LEU A 711 -3.21 -10.72 -29.73
N SER A 712 -3.68 -9.69 -29.04
CA SER A 712 -4.06 -8.45 -29.70
C SER A 712 -2.84 -7.68 -30.18
N LYS A 713 -1.83 -7.58 -29.34
CA LYS A 713 -0.58 -6.92 -29.71
C LYS A 713 0.09 -7.64 -30.89
N ALA A 714 -0.03 -8.96 -30.91
CA ALA A 714 0.58 -9.75 -31.97
C ALA A 714 -0.25 -9.76 -33.24
N GLN A 715 -1.39 -9.07 -33.21
CA GLN A 715 -2.31 -9.01 -34.34
C GLN A 715 -2.68 -10.41 -34.83
N TYR A 716 -2.98 -11.29 -33.88
CA TYR A 716 -3.39 -12.67 -34.19
C TYR A 716 -4.58 -12.65 -35.13
N PRO A 717 -4.59 -13.55 -36.13
CA PRO A 717 -5.64 -13.61 -37.15
C PRO A 717 -7.05 -13.58 -36.59
N ASN A 718 -7.83 -12.57 -36.98
CA ASN A 718 -9.23 -12.42 -36.58
C ASN A 718 -9.44 -12.33 -35.07
N ILE A 719 -8.44 -11.85 -34.35
CA ILE A 719 -8.55 -11.72 -32.90
C ILE A 719 -9.53 -10.59 -32.54
N LEU A 720 -9.75 -9.68 -33.48
CA LEU A 720 -10.65 -8.56 -33.27
C LEU A 720 -12.07 -9.05 -33.03
N ASN A 721 -12.42 -10.18 -33.67
CA ASN A 721 -13.71 -10.81 -33.44
C ASN A 721 -13.89 -11.20 -31.99
N GLU A 722 -12.86 -11.80 -31.40
CA GLU A 722 -12.88 -12.18 -29.99
C GLU A 722 -12.97 -10.95 -29.10
N ILE A 723 -12.30 -9.88 -29.51
CA ILE A 723 -12.31 -8.62 -28.76
C ILE A 723 -13.72 -8.03 -28.74
N ILE A 724 -14.41 -8.08 -29.87
CA ILE A 724 -15.78 -7.57 -29.97
C ILE A 724 -16.73 -8.37 -29.08
N GLU A 725 -16.62 -9.69 -29.14
CA GLU A 725 -17.44 -10.56 -28.29
C GLU A 725 -17.11 -10.37 -26.82
N HIS A 726 -15.84 -10.09 -26.54
CA HIS A 726 -15.38 -9.86 -25.17
C HIS A 726 -16.06 -8.63 -24.57
N SER A 727 -16.31 -7.63 -25.40
CA SER A 727 -16.90 -6.37 -24.95
C SER A 727 -18.35 -6.55 -24.51
N LYS A 728 -18.94 -7.68 -24.87
CA LYS A 728 -20.34 -7.96 -24.54
C LYS A 728 -20.47 -8.76 -23.24
N SER A 729 -19.33 -9.09 -22.65
CA SER A 729 -19.33 -9.83 -21.38
C SER A 729 -19.94 -8.98 -20.26
N PRO A 730 -20.68 -9.63 -19.35
CA PRO A 730 -21.27 -8.95 -18.19
C PRO A 730 -20.21 -8.49 -17.17
N TYR A 731 -19.04 -9.12 -17.18
CA TYR A 731 -17.99 -8.76 -16.23
C TYR A 731 -17.16 -7.57 -16.70
N PRO A 732 -17.13 -6.51 -15.88
CA PRO A 732 -16.36 -5.30 -16.17
C PRO A 732 -14.87 -5.56 -16.45
N SER A 733 -14.27 -6.52 -15.74
CA SER A 733 -12.89 -6.88 -15.99
C SER A 733 -12.70 -7.26 -17.46
N ASN A 734 -13.71 -7.91 -18.02
CA ASN A 734 -13.67 -8.33 -19.42
C ASN A 734 -13.92 -7.20 -20.40
N TRP A 735 -15.03 -6.46 -20.26
CA TRP A 735 -15.35 -5.47 -21.29
C TRP A 735 -14.51 -4.20 -21.15
N LEU A 736 -13.84 -4.03 -20.02
CA LEU A 736 -12.83 -2.98 -19.92
C LEU A 736 -11.52 -3.44 -20.55
N THR A 737 -11.23 -4.72 -20.42
CA THR A 737 -10.07 -5.30 -21.10
C THR A 737 -10.25 -5.19 -22.61
N SER A 738 -11.47 -5.39 -23.08
CA SER A 738 -11.76 -5.31 -24.52
C SER A 738 -11.47 -3.92 -25.05
N LEU A 739 -11.65 -2.90 -24.22
CA LEU A 739 -11.32 -1.53 -24.60
C LEU A 739 -9.81 -1.36 -24.79
N SER A 740 -9.04 -1.75 -23.78
CA SER A 740 -7.60 -1.51 -23.81
C SER A 740 -6.88 -2.33 -24.88
N VAL A 741 -7.34 -3.55 -25.13
CA VAL A 741 -6.71 -4.39 -26.13
C VAL A 741 -7.12 -3.98 -27.55
N SER A 742 -8.24 -3.25 -27.66
CA SER A 742 -8.71 -2.77 -28.96
C SER A 742 -7.91 -1.58 -29.44
N ALA A 743 -6.99 -1.11 -28.61
CA ALA A 743 -6.14 0.03 -28.94
C ALA A 743 -5.34 -0.21 -30.22
N TYR A 744 -5.04 -1.47 -30.50
CA TYR A 744 -4.27 -1.84 -31.67
C TYR A 744 -5.16 -2.02 -32.90
N PHE A 745 -6.39 -1.54 -32.81
CA PHE A 745 -7.34 -1.66 -33.93
C PHE A 745 -8.13 -0.37 -34.15
N ASP A 746 -8.83 -0.31 -35.27
CA ASP A 746 -9.60 0.87 -35.64
C ASP A 746 -10.90 0.98 -34.85
N LYS A 747 -11.25 -0.07 -34.13
CA LYS A 747 -12.50 -0.12 -33.39
C LYS A 747 -12.36 0.42 -31.96
N TYR A 748 -11.19 0.98 -31.67
CA TYR A 748 -10.89 1.47 -30.32
C TYR A 748 -11.87 2.53 -29.84
N PHE A 749 -12.04 3.58 -30.62
CA PHE A 749 -12.92 4.68 -30.22
C PHE A 749 -14.39 4.26 -30.23
N GLU A 750 -14.69 3.21 -30.97
CA GLU A 750 -16.03 2.61 -30.95
C GLU A 750 -16.30 1.98 -29.59
N LEU A 751 -15.31 1.24 -29.08
CA LEU A 751 -15.42 0.62 -27.76
C LEU A 751 -15.24 1.65 -26.66
N TYR A 752 -14.51 2.72 -26.97
CA TYR A 752 -14.33 3.85 -26.07
C TYR A 752 -15.68 4.43 -25.67
N ASP A 753 -16.54 4.63 -26.67
CA ASP A 753 -17.88 5.17 -26.42
C ASP A 753 -18.78 4.14 -25.75
N LYS A 754 -18.69 2.89 -26.20
CA LYS A 754 -19.50 1.81 -25.65
C LYS A 754 -19.24 1.63 -24.16
N THR A 755 -17.97 1.51 -23.79
CA THR A 755 -17.60 1.29 -22.40
C THR A 755 -17.85 2.52 -21.54
N TYR A 756 -17.77 3.71 -22.13
CA TYR A 756 -18.07 4.94 -21.39
C TYR A 756 -19.53 4.97 -20.95
N LYS A 757 -20.42 4.60 -21.87
CA LYS A 757 -21.86 4.58 -21.58
C LYS A 757 -22.17 3.57 -20.48
N LEU A 758 -21.41 2.47 -20.45
CA LEU A 758 -21.58 1.45 -19.44
C LEU A 758 -21.07 1.90 -18.07
N SER A 759 -20.13 2.84 -18.07
CA SER A 759 -19.43 3.21 -16.84
C SER A 759 -19.91 4.51 -16.21
N LYS A 760 -20.47 5.40 -17.01
CA LYS A 760 -20.71 6.79 -16.61
C LYS A 760 -21.64 6.97 -15.41
N ASP A 761 -22.55 6.02 -15.19
CA ASP A 761 -23.56 6.17 -14.16
C ASP A 761 -23.16 5.56 -12.82
N ASP A 762 -21.94 5.01 -12.76
CA ASP A 762 -21.37 4.56 -11.50
C ASP A 762 -20.06 5.30 -11.27
N GLU A 763 -19.97 5.99 -10.14
CA GLU A 763 -18.80 6.80 -9.80
C GLU A 763 -17.50 6.03 -9.85
N LEU A 764 -17.49 4.85 -9.23
CA LEU A 764 -16.27 4.04 -9.15
C LEU A 764 -15.96 3.36 -10.48
N LEU A 765 -17.01 2.92 -11.18
CA LEU A 765 -16.82 2.25 -12.47
C LEU A 765 -16.24 3.21 -13.49
N LEU A 766 -16.71 4.45 -13.48
CA LEU A 766 -16.19 5.48 -14.38
C LEU A 766 -14.70 5.72 -14.14
N GLN A 767 -14.30 5.67 -12.87
CA GLN A 767 -12.90 5.85 -12.51
C GLN A 767 -12.05 4.69 -13.02
N GLU A 768 -12.62 3.50 -13.05
CA GLU A 768 -11.93 2.35 -13.62
C GLU A 768 -11.83 2.49 -15.14
N TRP A 769 -12.87 3.08 -15.73
CA TRP A 769 -12.86 3.37 -17.16
C TRP A 769 -11.76 4.37 -17.48
N LEU A 770 -11.63 5.39 -16.64
CA LEU A 770 -10.58 6.39 -16.79
C LEU A 770 -9.19 5.76 -16.75
N LYS A 771 -8.98 4.85 -15.80
CA LYS A 771 -7.70 4.13 -15.71
C LYS A 771 -7.43 3.32 -16.97
N THR A 772 -8.46 2.67 -17.48
CA THR A 772 -8.35 1.85 -18.68
C THR A 772 -7.96 2.68 -19.88
N VAL A 773 -8.61 3.83 -20.03
CA VAL A 773 -8.29 4.76 -21.10
C VAL A 773 -6.88 5.31 -20.93
N SER A 774 -6.56 5.74 -19.70
CA SER A 774 -5.25 6.30 -19.39
C SER A 774 -4.12 5.34 -19.70
N ARG A 775 -4.39 4.05 -19.54
CA ARG A 775 -3.35 3.07 -19.73
C ARG A 775 -3.31 2.48 -21.14
N SER A 776 -4.26 2.91 -21.97
CA SER A 776 -4.37 2.40 -23.34
C SER A 776 -3.10 2.63 -24.15
N ASP A 777 -2.61 1.57 -24.79
CA ASP A 777 -1.42 1.65 -25.61
C ASP A 777 -1.74 2.33 -26.93
N ARG A 778 -1.93 3.64 -26.88
CA ARG A 778 -2.32 4.43 -28.04
C ARG A 778 -1.22 5.40 -28.46
N LYS A 779 -1.00 5.53 -29.77
CA LYS A 779 -0.04 6.49 -30.29
C LYS A 779 -0.55 7.92 -30.08
N ASP A 780 -1.88 8.05 -30.02
CA ASP A 780 -2.52 9.35 -29.83
C ASP A 780 -2.98 9.53 -28.39
N ILE A 781 -2.22 8.99 -27.44
CA ILE A 781 -2.60 9.01 -26.04
C ILE A 781 -2.64 10.43 -25.46
N TYR A 782 -1.77 11.31 -25.95
CA TYR A 782 -1.74 12.69 -25.47
C TYR A 782 -2.99 13.46 -25.89
N GLU A 783 -3.46 13.20 -27.11
CA GLU A 783 -4.71 13.78 -27.58
C GLU A 783 -5.87 13.22 -26.77
N ILE A 784 -5.78 11.94 -26.45
CA ILE A 784 -6.81 11.25 -25.68
C ILE A 784 -6.92 11.80 -24.26
N LEU A 785 -5.77 12.03 -23.62
CA LEU A 785 -5.74 12.60 -22.29
C LEU A 785 -6.40 13.98 -22.26
N LYS A 786 -6.14 14.77 -23.31
CA LYS A 786 -6.76 16.08 -23.43
C LYS A 786 -8.27 15.96 -23.51
N LYS A 787 -8.73 14.93 -24.21
CA LYS A 787 -10.15 14.65 -24.35
C LYS A 787 -10.77 14.30 -23.00
N LEU A 788 -10.05 13.51 -22.21
CA LEU A 788 -10.50 13.14 -20.87
C LEU A 788 -10.62 14.35 -19.96
N GLU A 789 -9.65 15.25 -20.06
CA GLU A 789 -9.63 16.44 -19.22
C GLU A 789 -10.81 17.36 -19.51
N ASN A 790 -11.12 17.54 -20.79
CA ASN A 790 -12.17 18.48 -21.20
C ASN A 790 -13.57 17.91 -21.04
N GLU A 791 -13.74 16.62 -21.29
CA GLU A 791 -15.07 16.02 -21.34
C GLU A 791 -15.48 15.31 -20.04
N VAL A 792 -14.51 14.77 -19.30
CA VAL A 792 -14.83 13.96 -18.14
C VAL A 792 -14.26 14.50 -16.83
N LEU A 793 -12.95 14.66 -16.76
CA LEU A 793 -12.28 15.07 -15.53
C LEU A 793 -12.63 16.49 -15.13
N LYS A 794 -12.41 17.44 -16.05
CA LYS A 794 -12.66 18.85 -15.81
C LYS A 794 -11.97 19.39 -14.56
N ASP A 795 -12.75 20.03 -13.70
CA ASP A 795 -12.24 20.74 -12.54
C ASP A 795 -12.30 19.92 -11.25
N SER A 796 -12.52 18.61 -11.40
CA SER A 796 -12.72 17.73 -10.24
C SER A 796 -11.54 17.77 -9.27
N LYS A 797 -11.85 17.86 -7.98
CA LYS A 797 -10.83 17.82 -6.93
C LYS A 797 -10.84 16.46 -6.25
N ASN A 798 -11.56 15.52 -6.84
CA ASN A 798 -11.61 14.14 -6.34
C ASN A 798 -10.31 13.43 -6.67
N PRO A 799 -9.55 13.00 -5.64
CA PRO A 799 -8.27 12.31 -5.84
C PRO A 799 -8.41 11.04 -6.67
N ASN A 800 -9.52 10.32 -6.50
CA ASN A 800 -9.78 9.13 -7.31
C ASN A 800 -9.85 9.47 -8.79
N ASP A 801 -10.43 10.63 -9.11
CA ASP A 801 -10.55 11.10 -10.48
C ASP A 801 -9.20 11.48 -11.07
N ILE A 802 -8.45 12.27 -10.30
CA ILE A 802 -7.16 12.77 -10.77
C ILE A 802 -6.13 11.64 -10.93
N ARG A 803 -6.10 10.74 -9.96
CA ARG A 803 -5.17 9.61 -10.02
C ARG A 803 -5.51 8.65 -11.16
N ALA A 804 -6.80 8.49 -11.43
CA ALA A 804 -7.25 7.58 -12.48
C ALA A 804 -6.83 8.07 -13.86
N VAL A 805 -6.96 9.37 -14.08
CA VAL A 805 -6.65 9.96 -15.37
C VAL A 805 -5.15 9.92 -15.68
N TYR A 806 -4.31 10.16 -14.69
CA TYR A 806 -2.90 10.42 -14.95
C TYR A 806 -1.93 9.30 -14.60
N LEU A 807 -2.08 8.69 -13.42
CA LEU A 807 -1.11 7.69 -12.96
C LEU A 807 -0.92 6.49 -13.89
N PRO A 808 -2.02 5.89 -14.41
CA PRO A 808 -1.78 4.79 -15.34
C PRO A 808 -0.94 5.20 -16.55
N PHE A 809 -1.22 6.38 -17.10
CA PHE A 809 -0.45 6.91 -18.23
C PHE A 809 1.05 7.02 -17.95
N THR A 810 1.40 7.31 -16.70
CA THR A 810 2.79 7.46 -16.30
C THR A 810 3.62 6.20 -16.47
N ASN A 811 2.95 5.06 -16.59
CA ASN A 811 3.62 3.77 -16.74
C ASN A 811 3.73 3.38 -18.22
N ASN A 812 3.26 4.26 -19.10
CA ASN A 812 3.44 4.05 -20.53
C ASN A 812 4.90 4.33 -20.90
N LEU A 813 5.68 3.26 -21.01
CA LEU A 813 7.13 3.35 -21.13
C LEU A 813 7.60 4.23 -22.29
N ARG A 814 6.94 4.08 -23.44
CA ARG A 814 7.35 4.78 -24.65
C ARG A 814 6.77 6.18 -24.78
N ARG A 815 5.55 6.37 -24.28
CA ARG A 815 4.84 7.62 -24.51
C ARG A 815 5.04 8.63 -23.38
N PHE A 816 5.02 8.16 -22.14
CA PHE A 816 5.24 9.06 -21.01
C PHE A 816 6.68 9.57 -21.01
N HIS A 817 7.62 8.70 -21.37
CA HIS A 817 9.02 9.07 -21.44
C HIS A 817 9.40 9.59 -22.82
N ASP A 818 8.47 10.26 -23.47
CA ASP A 818 8.72 10.87 -24.77
C ASP A 818 9.93 11.80 -24.67
N ILE A 819 10.87 11.63 -25.59
CA ILE A 819 12.16 12.29 -25.52
C ILE A 819 12.06 13.83 -25.52
N SER A 820 10.91 14.34 -25.93
CA SER A 820 10.66 15.79 -25.89
C SER A 820 10.46 16.25 -24.45
N GLY A 821 10.12 15.30 -23.58
CA GLY A 821 9.90 15.59 -22.17
C GLY A 821 8.51 16.11 -21.88
N LYS A 822 7.63 16.03 -22.86
CA LYS A 822 6.28 16.59 -22.72
C LYS A 822 5.42 15.80 -21.74
N GLY A 823 5.75 14.53 -21.54
CA GLY A 823 5.08 13.72 -20.53
C GLY A 823 5.44 14.21 -19.14
N TYR A 824 6.71 14.53 -18.95
CA TYR A 824 7.20 15.04 -17.68
C TYR A 824 6.59 16.41 -17.39
N LYS A 825 6.46 17.21 -18.43
CA LYS A 825 5.89 18.55 -18.31
C LYS A 825 4.41 18.49 -17.92
N LEU A 826 3.70 17.53 -18.51
CA LEU A 826 2.28 17.37 -18.26
C LEU A 826 1.97 17.02 -16.81
N ILE A 827 2.70 16.06 -16.26
CA ILE A 827 2.46 15.62 -14.89
CA ILE A 827 2.48 15.63 -14.88
C ILE A 827 2.92 16.67 -13.88
N ALA A 828 4.02 17.36 -14.18
CA ALA A 828 4.51 18.43 -13.31
C ALA A 828 3.47 19.53 -13.19
N GLU A 829 2.75 19.79 -14.28
CA GLU A 829 1.68 20.76 -14.29
C GLU A 829 0.50 20.30 -13.43
N VAL A 830 0.19 19.00 -13.50
CA VAL A 830 -0.88 18.43 -12.70
C VAL A 830 -0.50 18.43 -11.23
N ILE A 831 0.76 18.11 -10.94
CA ILE A 831 1.26 18.11 -9.57
C ILE A 831 1.15 19.50 -8.93
N THR A 832 1.64 20.51 -9.65
CA THR A 832 1.61 21.88 -9.17
C THR A 832 0.17 22.37 -9.00
N LYS A 833 -0.68 22.02 -9.96
CA LYS A 833 -2.09 22.37 -9.91
C LYS A 833 -2.77 21.74 -8.70
N THR A 834 -2.49 20.45 -8.48
CA THR A 834 -3.08 19.71 -7.38
C THR A 834 -2.57 20.19 -6.03
N ASP A 835 -1.30 20.59 -5.99
CA ASP A 835 -0.66 20.99 -4.75
C ASP A 835 -1.34 22.20 -4.10
N LYS A 836 -2.06 22.98 -4.90
CA LYS A 836 -2.74 24.17 -4.39
C LYS A 836 -3.92 23.83 -3.48
N PHE A 837 -4.48 22.63 -3.61
CA PHE A 837 -5.60 22.25 -2.76
C PHE A 837 -5.40 20.91 -2.03
N ASN A 838 -4.48 20.08 -2.51
CA ASN A 838 -4.23 18.79 -1.87
C ASN A 838 -2.77 18.34 -1.98
N PRO A 839 -1.94 18.78 -1.03
CA PRO A 839 -0.50 18.47 -0.99
C PRO A 839 -0.18 16.97 -0.97
N MET A 840 -0.94 16.18 -0.22
CA MET A 840 -0.67 14.74 -0.14
C MET A 840 -0.81 14.06 -1.49
N VAL A 841 -1.92 14.34 -2.19
CA VAL A 841 -2.15 13.75 -3.50
C VAL A 841 -1.13 14.29 -4.51
N ALA A 842 -0.70 15.53 -4.31
CA ALA A 842 0.33 16.12 -5.14
C ALA A 842 1.62 15.30 -5.09
N THR A 843 2.00 14.89 -3.90
CA THR A 843 3.20 14.07 -3.73
C THR A 843 3.00 12.68 -4.29
N GLN A 844 1.76 12.18 -4.22
CA GLN A 844 1.42 10.89 -4.81
C GLN A 844 1.65 10.93 -6.32
N LEU A 845 1.33 12.06 -6.93
CA LEU A 845 1.46 12.22 -8.37
C LEU A 845 2.92 12.41 -8.80
N CYS A 846 3.82 12.50 -7.82
CA CYS A 846 5.25 12.62 -8.09
C CYS A 846 5.92 11.28 -8.33
N GLU A 847 5.20 10.19 -8.10
CA GLU A 847 5.75 8.84 -8.20
C GLU A 847 6.57 8.56 -9.47
N PRO A 848 6.12 9.05 -10.66
CA PRO A 848 6.96 8.83 -11.85
C PRO A 848 8.39 9.36 -11.72
N PHE A 849 8.57 10.47 -11.01
CA PHE A 849 9.88 11.11 -10.92
C PHE A 849 10.84 10.38 -9.98
N LYS A 850 10.36 9.36 -9.28
CA LYS A 850 11.17 8.66 -8.29
C LYS A 850 12.37 7.93 -8.92
N LEU A 851 12.27 7.62 -10.20
CA LEU A 851 13.35 6.91 -10.89
C LEU A 851 14.22 7.83 -11.75
N TRP A 852 14.11 9.14 -11.51
CA TRP A 852 14.69 10.14 -12.41
C TRP A 852 16.19 9.95 -12.66
N ASN A 853 16.95 9.57 -11.65
CA ASN A 853 18.40 9.47 -11.79
C ASN A 853 18.85 8.10 -12.30
N LYS A 854 17.89 7.26 -12.67
CA LYS A 854 18.20 5.93 -13.21
C LYS A 854 18.08 5.90 -14.74
N LEU A 855 17.66 7.02 -15.33
CA LEU A 855 17.42 7.08 -16.77
C LEU A 855 18.66 7.59 -17.52
N ASP A 856 18.56 7.62 -18.85
CA ASP A 856 19.63 8.18 -19.67
C ASP A 856 19.79 9.67 -19.39
N THR A 857 20.94 10.23 -19.74
CA THR A 857 21.30 11.59 -19.37
C THR A 857 20.31 12.63 -19.86
N LYS A 858 19.75 12.42 -21.05
CA LYS A 858 18.77 13.35 -21.60
C LYS A 858 17.50 13.37 -20.75
N ARG A 859 16.95 12.19 -20.47
CA ARG A 859 15.72 12.09 -19.72
C ARG A 859 15.91 12.48 -18.25
N GLN A 860 17.11 12.24 -17.73
CA GLN A 860 17.46 12.71 -16.39
C GLN A 860 17.32 14.22 -16.32
N GLU A 861 17.94 14.90 -17.29
CA GLU A 861 17.93 16.35 -17.35
C GLU A 861 16.51 16.89 -17.47
N LEU A 862 15.69 16.24 -18.28
CA LEU A 862 14.32 16.68 -18.50
C LEU A 862 13.46 16.57 -17.24
N MET A 863 13.53 15.42 -16.57
CA MET A 863 12.83 15.24 -15.31
C MET A 863 13.31 16.20 -14.24
N LEU A 864 14.63 16.38 -14.18
CA LEU A 864 15.24 17.25 -13.17
C LEU A 864 14.78 18.69 -13.34
N ASN A 865 14.65 19.13 -14.59
CA ASN A 865 14.19 20.48 -14.89
CA ASN A 865 14.20 20.48 -14.88
C ASN A 865 12.78 20.72 -14.39
N GLU A 866 11.89 19.76 -14.64
CA GLU A 866 10.50 19.88 -14.22
C GLU A 866 10.38 19.89 -12.71
N MET A 867 11.20 19.09 -12.04
CA MET A 867 11.20 19.05 -10.58
C MET A 867 11.72 20.37 -10.00
N ASN A 868 12.74 20.93 -10.63
CA ASN A 868 13.25 22.23 -10.21
C ASN A 868 12.24 23.35 -10.49
N THR A 869 11.46 23.18 -11.56
CA THR A 869 10.39 24.11 -11.87
C THR A 869 9.32 24.06 -10.78
N MET A 870 8.94 22.84 -10.39
CA MET A 870 7.97 22.66 -9.32
C MET A 870 8.48 23.20 -7.99
N LEU A 871 9.77 22.98 -7.71
CA LEU A 871 10.38 23.45 -6.47
C LEU A 871 10.39 24.98 -6.36
N GLN A 872 10.34 25.65 -7.50
CA GLN A 872 10.42 27.10 -7.53
C GLN A 872 9.05 27.77 -7.52
N GLU A 873 8.00 26.96 -7.47
CA GLU A 873 6.64 27.49 -7.30
C GLU A 873 6.52 28.15 -5.93
N PRO A 874 6.21 29.46 -5.93
CA PRO A 874 6.16 30.27 -4.69
C PRO A 874 5.22 29.70 -3.63
N GLN A 875 4.12 29.10 -4.06
CA GLN A 875 3.10 28.64 -3.14
C GLN A 875 3.19 27.14 -2.86
N ILE A 876 4.34 26.55 -3.13
CA ILE A 876 4.53 25.11 -2.95
C ILE A 876 4.31 24.70 -1.49
N SER A 877 3.60 23.59 -1.29
CA SER A 877 3.32 23.10 0.05
C SER A 877 4.58 22.56 0.71
N ASN A 878 4.55 22.41 2.03
CA ASN A 878 5.67 21.83 2.76
C ASN A 878 5.86 20.36 2.40
N ASN A 879 4.75 19.65 2.21
CA ASN A 879 4.79 18.24 1.82
C ASN A 879 5.51 18.05 0.49
N LEU A 880 5.09 18.81 -0.51
CA LEU A 880 5.68 18.70 -1.85
C LEU A 880 7.13 19.16 -1.85
N LYS A 881 7.41 20.27 -1.15
CA LYS A 881 8.75 20.82 -1.13
C LYS A 881 9.75 19.84 -0.51
N GLU A 882 9.41 19.27 0.65
CA GLU A 882 10.28 18.32 1.31
C GLU A 882 10.51 17.09 0.44
N TYR A 883 9.44 16.62 -0.19
CA TYR A 883 9.50 15.44 -1.04
C TYR A 883 10.46 15.64 -2.21
N LEU A 884 10.33 16.77 -2.89
CA LEU A 884 11.17 17.05 -4.06
C LEU A 884 12.60 17.40 -3.67
N LEU A 885 12.78 18.02 -2.52
CA LEU A 885 14.11 18.34 -2.02
C LEU A 885 14.90 17.05 -1.73
N ARG A 886 14.23 16.08 -1.12
CA ARG A 886 14.86 14.81 -0.81
C ARG A 886 15.09 13.99 -2.07
N LEU A 887 14.15 14.06 -3.00
CA LEU A 887 14.23 13.30 -4.24
C LEU A 887 15.37 13.80 -5.12
N THR A 888 15.64 15.10 -5.07
CA THR A 888 16.68 15.70 -5.90
C THR A 888 17.97 15.96 -5.13
N ASN A 889 18.10 15.30 -3.98
CA ASN A 889 19.31 15.39 -3.15
C ASN A 889 19.75 16.82 -2.81
N LYS A 890 18.83 17.62 -2.29
CA LYS A 890 19.17 18.97 -1.85
C LYS A 890 19.11 19.07 -0.33
ZN ZN B . -2.87 0.99 8.44
CA 4TK C . -3.78 3.83 5.36
N 4TK C . -3.16 3.01 4.31
CAO 4TK C . -3.89 2.56 3.29
OAE 4TK C . -5.08 2.85 3.13
CAS 4TK C . -3.19 1.63 2.30
CAA 4TK C . -3.88 1.67 0.93
CAB 4TK C . -1.72 2.01 2.16
CAC 4TK C . -3.28 0.19 2.84
C 4TK C . -3.73 3.01 6.65
O 4TK C . -2.65 2.68 7.15
NAL 4TK C . -4.93 2.67 7.14
OAF 4TK C . -4.96 1.89 8.34
BRG 4TK C . -1.63 9.43 6.39
CAQ 4TK C . -3.24 5.11 5.55
CAJ 4TK C . -3.74 5.87 6.60
CAH 4TK C . -3.25 7.15 6.86
CAP 4TK C . -2.27 7.69 6.04
CAI 4TK C . -1.77 6.94 4.97
CAK 4TK C . -2.25 5.65 4.72
MG MG D . -9.53 27.83 8.72
MG MG E . -17.63 12.75 -8.48
S DMS F . 4.60 8.65 -0.66
O DMS F . 3.72 7.44 -0.56
C1 DMS F . 3.88 9.84 -1.83
C2 DMS F . 4.46 9.62 0.87
S DMS G . 3.93 -24.36 -6.76
O DMS G . 3.57 -25.70 -7.33
C1 DMS G . 3.16 -23.04 -7.73
C2 DMS G . 3.05 -24.12 -5.19
#